data_6OZD
#
_entry.id   6OZD
#
_cell.length_a   65.950
_cell.length_b   96.360
_cell.length_c   95.930
_cell.angle_alpha   90.000
_cell.angle_beta   91.360
_cell.angle_gamma   90.000
#
_symmetry.space_group_name_H-M   'P 1 21 1'
#
loop_
_entity.id
_entity.type
_entity.pdbx_description
1 polymer 'Putative exported protein'
2 non-polymer 1,2-ETHANEDIOL
3 non-polymer 'CHLORIDE ION'
4 water water
#
_entity_poly.entity_id   1
_entity_poly.type   'polypeptide(L)'
_entity_poly.pdbx_seq_one_letter_code
;MAHHHHHHDDLTPAAQRWAMPGTELPLGPQGLAQSVSTQTLAAGVAYYQIKRGAASAADFWTVNLGFYATQAAAQADAAN
LAAAGFATRVDASAGTDLQGKVLGYWLSAGRYATQAEATAAAARIAQATQNRYKPGTRHTSLAGAPTTGPWIVNVLAIDP
SRAGAALSLALPGGNDLGAGGETVSAARARVNALAGVNGGFFTNINPFGAPLPPRSPVGATVVDGRLVAAAIGRRPGLLL
ARDANGRQRATVVRNLATAITLTDAQGRAIAVQTLNRPILGTVVNCGAQARTPTSEPAQDTVCTNYDDLVMYDSLYLRGG
ASNTLVDAGYQGARYELVVDANGAVVAGHATLGAPPPPNGYVLQGLGASAAWLQAHATPGTRLAVSRRLSADGADLALAS
GTSLVEAGPTLSVPNLAQSAAQEGFAPTVGGVDAGEGAAANGNWYNGWYVARNGRTAAGVAADGTILLVEIDGRQPTLSV
GTSIPETAAVMAWLGATSAVNLDGGGSSNMVVGGKMVGHPSDAVGERGVGDTLMLLPG
;
_entity_poly.pdbx_strand_id   A,B
#
# COMPACT_ATOMS: atom_id res chain seq x y z
N ALA A 15 11.50 19.56 -8.05
CA ALA A 15 10.32 18.72 -7.87
C ALA A 15 10.46 17.83 -6.63
N GLN A 16 9.34 17.56 -5.96
CA GLN A 16 9.34 16.66 -4.82
C GLN A 16 9.76 15.26 -5.25
N ARG A 17 10.38 14.53 -4.33
CA ARG A 17 10.80 13.17 -4.60
C ARG A 17 9.61 12.30 -4.97
N TRP A 18 9.74 11.53 -6.05
CA TRP A 18 8.68 10.61 -6.43
C TRP A 18 8.49 9.55 -5.35
N ALA A 19 7.23 9.25 -5.04
CA ALA A 19 6.92 8.08 -4.23
C ALA A 19 5.60 7.47 -4.67
N MET A 20 5.44 6.19 -4.34
CA MET A 20 4.24 5.44 -4.73
C MET A 20 2.98 6.09 -4.15
N PRO A 21 1.96 6.32 -4.96
CA PRO A 21 0.70 6.85 -4.40
C PRO A 21 0.04 5.81 -3.51
N GLY A 22 -0.80 6.32 -2.60
CA GLY A 22 -1.50 5.50 -1.64
C GLY A 22 -2.95 5.28 -1.97
N THR A 23 -3.39 5.77 -3.11
CA THR A 23 -4.78 5.74 -3.51
C THR A 23 -5.06 4.47 -4.31
N GLU A 24 -6.33 4.28 -4.71
CA GLU A 24 -6.69 3.15 -5.57
C GLU A 24 -6.21 3.37 -7.00
N LEU A 25 -5.73 2.30 -7.61
CA LEU A 25 -5.37 2.35 -9.01
C LEU A 25 -6.60 2.60 -9.88
N PRO A 26 -6.41 3.28 -11.03
CA PRO A 26 -7.49 3.49 -12.00
C PRO A 26 -7.74 2.25 -12.85
N LEU A 27 -7.93 1.11 -12.19
CA LEU A 27 -8.28 -0.14 -12.86
C LEU A 27 -9.55 -0.64 -12.20
N GLY A 28 -10.60 -0.83 -12.99
CA GLY A 28 -11.86 -1.23 -12.45
C GLY A 28 -12.52 -0.11 -11.69
N PRO A 29 -13.70 -0.41 -11.13
CA PRO A 29 -14.40 0.58 -10.29
C PRO A 29 -13.62 0.90 -9.03
N GLN A 30 -13.76 2.14 -8.58
CA GLN A 30 -13.38 2.46 -7.22
C GLN A 30 -14.17 1.58 -6.26
N GLY A 31 -13.48 1.08 -5.23
CA GLY A 31 -14.09 0.21 -4.25
C GLY A 31 -13.59 -1.22 -4.27
N LEU A 32 -12.81 -1.62 -5.28
CA LEU A 32 -12.16 -2.92 -5.25
C LEU A 32 -11.14 -2.99 -4.12
N ALA A 33 -10.87 -4.20 -3.66
CA ALA A 33 -9.80 -4.42 -2.70
C ALA A 33 -8.46 -4.32 -3.42
N GLN A 34 -7.43 -3.91 -2.69
CA GLN A 34 -6.10 -3.90 -3.30
CA GLN A 34 -6.11 -3.70 -3.27
C GLN A 34 -5.05 -3.95 -2.21
N SER A 35 -3.86 -4.39 -2.62
CA SER A 35 -2.70 -4.47 -1.76
C SER A 35 -1.51 -3.93 -2.54
N VAL A 36 -0.63 -3.19 -1.86
CA VAL A 36 0.56 -2.61 -2.46
C VAL A 36 1.73 -2.92 -1.56
N SER A 37 2.73 -3.62 -2.08
CA SER A 37 3.95 -3.89 -1.32
C SER A 37 5.08 -2.98 -1.78
N THR A 38 6.00 -2.71 -0.86
CA THR A 38 7.21 -1.91 -1.12
C THR A 38 8.42 -2.71 -0.67
N GLN A 39 9.49 -2.72 -1.49
CA GLN A 39 10.74 -3.37 -1.11
C GLN A 39 11.89 -2.56 -1.67
N THR A 40 12.87 -2.21 -0.84
CA THR A 40 14.07 -1.54 -1.33
C THR A 40 15.06 -2.58 -1.85
N LEU A 41 15.51 -2.42 -3.10
CA LEU A 41 16.50 -3.34 -3.67
C LEU A 41 17.93 -2.86 -3.51
N ALA A 42 18.12 -1.55 -3.42
CA ALA A 42 19.42 -0.90 -3.39
C ALA A 42 19.16 0.58 -3.15
N ALA A 43 20.22 1.35 -2.91
CA ALA A 43 20.07 2.78 -2.78
C ALA A 43 19.35 3.34 -4.01
N GLY A 44 18.25 4.05 -3.77
CA GLY A 44 17.49 4.65 -4.85
C GLY A 44 16.76 3.68 -5.75
N VAL A 45 16.54 2.44 -5.31
CA VAL A 45 15.85 1.45 -6.13
C VAL A 45 14.81 0.74 -5.30
N ALA A 46 13.57 0.73 -5.78
CA ALA A 46 12.52 0.01 -5.07
C ALA A 46 11.68 -0.81 -6.03
N TYR A 47 11.09 -1.86 -5.48
CA TYR A 47 10.19 -2.75 -6.20
C TYR A 47 8.85 -2.79 -5.48
N TYR A 48 7.77 -2.70 -6.25
CA TYR A 48 6.41 -2.72 -5.71
C TYR A 48 5.56 -3.74 -6.44
N GLN A 49 4.69 -4.44 -5.72
CA GLN A 49 3.65 -5.22 -6.39
C GLN A 49 2.28 -4.75 -5.94
N ILE A 50 1.41 -4.49 -6.90
CA ILE A 50 0.02 -4.14 -6.64
C ILE A 50 -0.85 -5.31 -7.05
N LYS A 51 -1.69 -5.81 -6.15
CA LYS A 51 -2.74 -6.74 -6.50
C LYS A 51 -4.07 -6.04 -6.31
N ARG A 52 -4.96 -6.14 -7.28
CA ARG A 52 -6.21 -5.41 -7.18
C ARG A 52 -7.36 -6.23 -7.72
N GLY A 53 -8.49 -6.19 -7.03
CA GLY A 53 -9.72 -6.71 -7.61
C GLY A 53 -9.89 -8.21 -7.47
N ALA A 54 -10.83 -8.73 -8.25
CA ALA A 54 -11.26 -10.11 -8.13
C ALA A 54 -12.03 -10.49 -9.38
N ALA A 55 -12.10 -11.80 -9.65
CA ALA A 55 -12.85 -12.25 -10.81
C ALA A 55 -14.34 -12.02 -10.56
N SER A 56 -15.02 -11.35 -11.51
CA SER A 56 -16.45 -11.03 -11.35
C SER A 56 -17.30 -12.17 -11.87
N ALA A 57 -18.41 -12.43 -11.15
CA ALA A 57 -19.40 -13.38 -11.64
C ALA A 57 -20.09 -12.89 -12.91
N ALA A 58 -20.00 -11.60 -13.21
CA ALA A 58 -20.57 -11.07 -14.44
C ALA A 58 -19.70 -11.32 -15.67
N ASP A 59 -18.45 -11.73 -15.50
CA ASP A 59 -17.57 -12.14 -16.59
C ASP A 59 -17.60 -13.67 -16.67
N PHE A 60 -17.29 -14.20 -17.86
CA PHE A 60 -17.49 -15.63 -18.08
C PHE A 60 -16.76 -16.09 -19.33
N TRP A 61 -16.71 -17.42 -19.49
CA TRP A 61 -16.14 -18.06 -20.67
C TRP A 61 -17.23 -18.31 -21.70
N THR A 62 -16.86 -18.22 -22.97
CA THR A 62 -17.82 -18.40 -24.05
C THR A 62 -17.11 -19.02 -25.24
N VAL A 63 -17.88 -19.62 -26.12
CA VAL A 63 -17.36 -20.13 -27.39
C VAL A 63 -17.16 -18.97 -28.34
N ASN A 64 -15.99 -18.90 -28.96
CA ASN A 64 -15.64 -17.78 -29.83
C ASN A 64 -15.68 -18.25 -31.28
N LEU A 65 -16.68 -17.78 -32.03
CA LEU A 65 -16.74 -18.11 -33.44
C LEU A 65 -15.98 -17.11 -34.31
N GLY A 66 -15.64 -15.95 -33.77
CA GLY A 66 -14.78 -15.02 -34.49
C GLY A 66 -15.14 -13.57 -34.24
N PHE A 67 -14.27 -12.66 -34.66
CA PHE A 67 -14.52 -11.23 -34.58
C PHE A 67 -14.78 -10.71 -35.99
N TYR A 68 -16.00 -10.24 -36.22
CA TYR A 68 -16.49 -9.85 -37.53
C TYR A 68 -16.47 -8.33 -37.67
N ALA A 69 -16.25 -7.84 -38.89
CA ALA A 69 -16.15 -6.40 -39.08
C ALA A 69 -17.49 -5.70 -38.94
N THR A 70 -18.60 -6.40 -39.18
CA THR A 70 -19.93 -5.80 -39.09
C THR A 70 -20.87 -6.81 -38.45
N GLN A 71 -21.99 -6.29 -37.95
CA GLN A 71 -23.03 -7.17 -37.43
C GLN A 71 -23.59 -8.06 -38.54
N ALA A 72 -23.78 -7.51 -39.74
CA ALA A 72 -24.31 -8.30 -40.83
C ALA A 72 -23.34 -9.41 -41.23
N ALA A 73 -22.02 -9.14 -41.14
CA ALA A 73 -21.05 -10.10 -41.62
C ALA A 73 -21.06 -11.40 -40.83
N ALA A 74 -21.66 -11.40 -39.65
CA ALA A 74 -21.79 -12.62 -38.86
C ALA A 74 -23.06 -13.40 -39.17
N GLN A 75 -24.04 -12.76 -39.82
CA GLN A 75 -25.32 -13.43 -40.04
C GLN A 75 -25.14 -14.68 -40.90
N ALA A 76 -24.32 -14.59 -41.94
CA ALA A 76 -24.08 -15.75 -42.80
C ALA A 76 -23.52 -16.94 -42.02
N ASP A 77 -22.91 -16.70 -40.87
CA ASP A 77 -22.45 -17.76 -39.98
C ASP A 77 -23.39 -18.01 -38.81
N ALA A 78 -23.95 -16.95 -38.23
CA ALA A 78 -24.86 -17.10 -37.10
C ALA A 78 -26.11 -17.88 -37.49
N ALA A 79 -26.80 -17.43 -38.55
CA ALA A 79 -27.92 -18.19 -39.07
C ALA A 79 -27.49 -19.57 -39.53
N ASN A 80 -26.30 -19.65 -40.14
CA ASN A 80 -25.74 -20.94 -40.55
C ASN A 80 -25.60 -21.86 -39.36
N LEU A 81 -25.11 -21.34 -38.23
CA LEU A 81 -24.98 -22.16 -37.02
C LEU A 81 -26.33 -22.48 -36.41
N ALA A 82 -27.30 -21.57 -36.53
CA ALA A 82 -28.64 -21.85 -36.05
C ALA A 82 -29.28 -22.99 -36.84
N ALA A 83 -29.02 -23.02 -38.16
CA ALA A 83 -29.47 -24.14 -38.97
C ALA A 83 -28.87 -25.46 -38.51
N ALA A 84 -27.71 -25.42 -37.85
CA ALA A 84 -27.08 -26.61 -37.31
C ALA A 84 -27.50 -26.91 -35.87
N GLY A 85 -28.38 -26.10 -35.29
CA GLY A 85 -28.89 -26.36 -33.96
C GLY A 85 -28.26 -25.56 -32.84
N PHE A 86 -27.38 -24.60 -33.13
CA PHE A 86 -26.63 -23.88 -32.11
C PHE A 86 -27.09 -22.42 -32.05
N ALA A 87 -27.59 -22.01 -30.88
CA ALA A 87 -27.88 -20.61 -30.64
C ALA A 87 -26.58 -19.84 -30.43
N THR A 88 -26.59 -18.56 -30.82
CA THR A 88 -25.40 -17.72 -30.70
C THR A 88 -25.80 -16.35 -30.18
N ARG A 89 -24.77 -15.55 -29.93
CA ARG A 89 -24.85 -14.24 -29.30
C ARG A 89 -23.86 -13.32 -30.01
N VAL A 90 -24.29 -12.11 -30.33
CA VAL A 90 -23.43 -11.13 -30.98
C VAL A 90 -22.98 -10.13 -29.91
N ASP A 91 -21.68 -10.11 -29.61
CA ASP A 91 -21.09 -9.23 -28.59
C ASP A 91 -20.30 -8.13 -29.29
N ALA A 92 -20.71 -6.87 -29.09
CA ALA A 92 -19.99 -5.76 -29.69
C ALA A 92 -18.61 -5.58 -29.07
N SER A 93 -17.66 -5.15 -29.90
CA SER A 93 -16.37 -4.68 -29.40
C SER A 93 -16.55 -3.65 -28.30
N ALA A 94 -15.60 -3.62 -27.37
CA ALA A 94 -15.60 -2.58 -26.37
C ALA A 94 -15.06 -1.25 -26.87
N GLY A 95 -14.60 -1.15 -28.13
CA GLY A 95 -14.03 0.09 -28.60
C GLY A 95 -14.50 0.46 -30.00
N THR A 96 -13.96 1.58 -30.49
CA THR A 96 -14.36 2.14 -31.76
C THR A 96 -13.12 2.54 -32.56
N ASP A 97 -13.34 2.89 -33.83
CA ASP A 97 -12.29 3.46 -34.66
C ASP A 97 -12.19 4.95 -34.36
N LEU A 98 -11.40 5.68 -35.14
CA LEU A 98 -11.19 7.09 -34.83
C LEU A 98 -12.43 7.95 -35.10
N GLN A 99 -13.38 7.42 -35.85
CA GLN A 99 -14.64 8.11 -36.11
C GLN A 99 -15.76 7.68 -35.16
N GLY A 100 -15.45 6.94 -34.11
CA GLY A 100 -16.47 6.49 -33.18
C GLY A 100 -17.29 5.31 -33.63
N LYS A 101 -16.95 4.69 -34.75
CA LYS A 101 -17.69 3.53 -35.21
C LYS A 101 -17.17 2.26 -34.54
N VAL A 102 -18.10 1.41 -34.08
CA VAL A 102 -17.75 0.18 -33.39
CA VAL A 102 -17.70 0.21 -33.38
C VAL A 102 -16.78 -0.63 -34.25
N LEU A 103 -15.76 -1.20 -33.61
CA LEU A 103 -14.72 -1.87 -34.38
C LEU A 103 -15.19 -3.17 -35.02
N GLY A 104 -16.16 -3.84 -34.40
CA GLY A 104 -16.64 -5.10 -34.90
C GLY A 104 -17.44 -5.82 -33.83
N TYR A 105 -17.72 -7.09 -34.10
CA TYR A 105 -18.63 -7.88 -33.28
C TYR A 105 -18.11 -9.30 -33.17
N TRP A 106 -18.03 -9.81 -31.94
CA TRP A 106 -17.79 -11.23 -31.74
C TRP A 106 -19.07 -12.01 -31.97
N LEU A 107 -18.94 -13.18 -32.59
CA LEU A 107 -19.99 -14.16 -32.60
C LEU A 107 -19.64 -15.22 -31.56
N SER A 108 -20.54 -15.43 -30.60
CA SER A 108 -20.26 -16.24 -29.42
C SER A 108 -21.39 -17.23 -29.20
N ALA A 109 -21.14 -18.22 -28.34
CA ALA A 109 -22.19 -19.13 -27.92
C ALA A 109 -21.92 -19.57 -26.50
N GLY A 110 -22.95 -19.51 -25.66
CA GLY A 110 -22.88 -20.05 -24.32
C GLY A 110 -22.34 -19.08 -23.29
N ARG A 111 -22.54 -19.44 -22.02
CA ARG A 111 -22.10 -18.65 -20.87
C ARG A 111 -21.61 -19.64 -19.83
N TYR A 112 -20.29 -19.77 -19.69
CA TYR A 112 -19.70 -20.85 -18.92
C TYR A 112 -18.79 -20.32 -17.81
N ALA A 113 -18.79 -21.02 -16.68
CA ALA A 113 -17.96 -20.61 -15.56
C ALA A 113 -16.49 -20.92 -15.80
N THR A 114 -16.17 -21.98 -16.56
CA THR A 114 -14.79 -22.42 -16.75
C THR A 114 -14.46 -22.55 -18.23
N GLN A 115 -13.15 -22.47 -18.53
CA GLN A 115 -12.68 -22.59 -19.90
C GLN A 115 -12.90 -24.00 -20.44
N ALA A 116 -12.80 -25.01 -19.57
CA ALA A 116 -13.01 -26.38 -20.02
C ALA A 116 -14.41 -26.58 -20.60
N GLU A 117 -15.42 -25.95 -19.98
CA GLU A 117 -16.78 -26.07 -20.50
C GLU A 117 -16.89 -25.43 -21.87
N ALA A 118 -16.32 -24.24 -22.04
CA ALA A 118 -16.33 -23.59 -23.34
C ALA A 118 -15.57 -24.40 -24.37
N THR A 119 -14.47 -25.03 -23.97
CA THR A 119 -13.70 -25.85 -24.91
C THR A 119 -14.50 -27.06 -25.37
N ALA A 120 -15.23 -27.70 -24.44
CA ALA A 120 -16.11 -28.80 -24.82
C ALA A 120 -17.17 -28.33 -25.81
N ALA A 121 -17.77 -27.17 -25.53
CA ALA A 121 -18.81 -26.64 -26.39
C ALA A 121 -18.27 -26.34 -27.78
N ALA A 122 -17.07 -25.78 -27.86
CA ALA A 122 -16.45 -25.51 -29.16
C ALA A 122 -16.26 -26.80 -29.94
N ALA A 123 -15.75 -27.83 -29.28
CA ALA A 123 -15.56 -29.12 -29.94
C ALA A 123 -16.87 -29.71 -30.44
N ARG A 124 -17.97 -29.47 -29.74
CA ARG A 124 -19.26 -29.99 -30.18
C ARG A 124 -19.72 -29.30 -31.46
N ILE A 125 -19.48 -27.99 -31.58
CA ILE A 125 -19.80 -27.29 -32.81
C ILE A 125 -18.90 -27.77 -33.95
N ALA A 126 -17.64 -28.05 -33.66
CA ALA A 126 -16.73 -28.55 -34.68
C ALA A 126 -17.17 -29.91 -35.20
N GLN A 127 -17.52 -30.83 -34.29
CA GLN A 127 -17.98 -32.15 -34.71
C GLN A 127 -19.27 -32.05 -35.53
N ALA A 128 -20.23 -31.26 -35.05
CA ALA A 128 -21.52 -31.17 -35.73
C ALA A 128 -21.40 -30.53 -37.11
N THR A 129 -20.61 -29.46 -37.22
CA THR A 129 -20.46 -28.80 -38.51
C THR A 129 -19.37 -29.43 -39.38
N GLN A 130 -18.91 -30.63 -39.03
CA GLN A 130 -17.88 -31.33 -39.79
C GLN A 130 -16.65 -30.44 -40.01
N ASN A 131 -16.26 -29.74 -38.95
CA ASN A 131 -15.11 -28.83 -38.93
C ASN A 131 -15.25 -27.66 -39.89
N ARG A 132 -16.44 -27.40 -40.42
CA ARG A 132 -16.67 -26.16 -41.14
C ARG A 132 -16.50 -24.96 -40.21
N TYR A 133 -16.79 -25.15 -38.93
CA TYR A 133 -16.50 -24.16 -37.89
C TYR A 133 -15.57 -24.80 -36.87
N LYS A 134 -14.42 -24.17 -36.65
CA LYS A 134 -13.43 -24.61 -35.68
C LYS A 134 -13.27 -23.51 -34.64
N PRO A 135 -14.22 -23.39 -33.71
CA PRO A 135 -14.24 -22.24 -32.81
C PRO A 135 -13.17 -22.35 -31.73
N GLY A 136 -12.80 -21.19 -31.19
CA GLY A 136 -11.97 -21.10 -30.00
C GLY A 136 -12.79 -20.83 -28.76
N THR A 137 -12.12 -20.33 -27.71
CA THR A 137 -12.78 -19.89 -26.50
C THR A 137 -12.31 -18.49 -26.16
N ARG A 138 -13.12 -17.79 -25.36
CA ARG A 138 -12.84 -16.40 -25.02
C ARG A 138 -13.44 -16.12 -23.66
N HIS A 139 -12.70 -15.36 -22.83
CA HIS A 139 -13.20 -14.92 -21.54
C HIS A 139 -13.54 -13.44 -21.63
N THR A 140 -14.75 -13.08 -21.19
CA THR A 140 -15.25 -11.72 -21.41
C THR A 140 -14.45 -10.67 -20.64
N SER A 141 -13.74 -11.04 -19.56
CA SER A 141 -12.96 -10.06 -18.82
C SER A 141 -11.82 -9.48 -19.63
N LEU A 142 -11.44 -10.11 -20.75
CA LEU A 142 -10.28 -9.66 -21.50
C LEU A 142 -10.65 -8.72 -22.63
N ALA A 143 -11.94 -8.44 -22.81
CA ALA A 143 -12.41 -7.69 -23.97
C ALA A 143 -12.13 -6.20 -23.88
N GLY A 144 -11.90 -5.67 -22.67
CA GLY A 144 -11.72 -4.24 -22.49
C GLY A 144 -12.96 -3.49 -22.05
N ALA A 145 -14.02 -4.19 -21.68
CA ALA A 145 -15.19 -3.56 -21.07
C ALA A 145 -14.96 -3.43 -19.57
N PRO A 146 -15.81 -2.67 -18.85
CA PRO A 146 -15.61 -2.54 -17.39
C PRO A 146 -15.56 -3.90 -16.70
N THR A 147 -14.59 -4.05 -15.79
CA THR A 147 -14.41 -5.32 -15.09
C THR A 147 -13.86 -5.06 -13.71
N THR A 148 -13.94 -6.08 -12.87
CA THR A 148 -13.35 -6.03 -11.54
C THR A 148 -11.98 -6.70 -11.48
N GLY A 149 -11.48 -7.21 -12.60
CA GLY A 149 -10.14 -7.78 -12.64
C GLY A 149 -10.15 -9.28 -12.49
N PRO A 150 -9.19 -9.84 -11.74
CA PRO A 150 -8.15 -9.17 -10.95
C PRO A 150 -6.97 -8.66 -11.79
N TRP A 151 -6.07 -7.89 -11.15
CA TRP A 151 -4.85 -7.42 -11.78
C TRP A 151 -3.66 -7.67 -10.87
N ILE A 152 -2.52 -7.91 -11.50
CA ILE A 152 -1.21 -7.88 -10.84
C ILE A 152 -0.35 -6.88 -11.61
N VAL A 153 0.13 -5.86 -10.92
CA VAL A 153 0.96 -4.80 -11.48
C VAL A 153 2.29 -4.79 -10.75
N ASN A 154 3.40 -4.89 -11.48
CA ASN A 154 4.75 -4.93 -10.92
C ASN A 154 5.47 -3.64 -11.31
N VAL A 155 6.12 -2.98 -10.34
CA VAL A 155 6.71 -1.66 -10.58
C VAL A 155 8.15 -1.65 -10.08
N LEU A 156 9.08 -1.19 -10.90
CA LEU A 156 10.43 -0.86 -10.46
C LEU A 156 10.60 0.65 -10.55
N ALA A 157 11.16 1.24 -9.52
CA ALA A 157 11.43 2.67 -9.48
C ALA A 157 12.92 2.87 -9.22
N ILE A 158 13.56 3.66 -10.08
CA ILE A 158 15.00 3.93 -9.96
C ILE A 158 15.18 5.44 -9.96
N ASP A 159 15.70 5.97 -8.85
CA ASP A 159 15.99 7.40 -8.74
C ASP A 159 17.45 7.63 -9.09
N PRO A 160 17.76 8.11 -10.30
CA PRO A 160 19.18 8.28 -10.68
C PRO A 160 19.94 9.28 -9.84
N SER A 161 19.25 10.13 -9.05
CA SER A 161 19.95 11.05 -8.16
C SER A 161 20.43 10.37 -6.89
N ARG A 162 19.97 9.15 -6.61
CA ARG A 162 20.41 8.40 -5.43
C ARG A 162 20.98 7.04 -5.74
N ALA A 163 20.70 6.47 -6.92
CA ALA A 163 21.10 5.11 -7.22
C ALA A 163 22.53 5.05 -7.77
N GLY A 164 23.27 4.05 -7.31
CA GLY A 164 24.50 3.67 -7.96
C GLY A 164 24.24 2.64 -9.05
N ALA A 165 23.08 2.01 -9.00
CA ALA A 165 22.67 1.09 -10.06
C ALA A 165 22.38 1.86 -11.34
N ALA A 166 22.55 1.19 -12.47
CA ALA A 166 22.35 1.80 -13.78
C ALA A 166 21.46 0.92 -14.62
N LEU A 167 20.45 1.52 -15.26
CA LEU A 167 19.58 0.80 -16.17
C LEU A 167 20.33 0.61 -17.48
N SER A 168 20.29 -0.62 -18.00
CA SER A 168 21.04 -1.01 -19.20
CA SER A 168 21.04 -0.96 -19.21
C SER A 168 20.11 -1.66 -20.20
N LEU A 169 20.38 -1.45 -21.49
CA LEU A 169 19.65 -2.15 -22.53
C LEU A 169 20.48 -3.37 -22.93
N ALA A 170 19.96 -4.56 -22.67
CA ALA A 170 20.69 -5.80 -22.88
C ALA A 170 20.18 -6.50 -24.14
N LEU A 171 21.08 -6.78 -25.07
CA LEU A 171 20.71 -7.50 -26.28
C LEU A 171 20.71 -9.01 -26.00
N PRO A 172 19.98 -9.80 -26.81
CA PRO A 172 19.87 -11.24 -26.54
C PRO A 172 21.23 -11.91 -26.57
N GLY A 173 21.61 -12.48 -25.43
CA GLY A 173 22.91 -13.11 -25.32
C GLY A 173 24.09 -12.18 -25.47
N GLY A 174 23.86 -10.87 -25.42
CA GLY A 174 24.90 -9.89 -25.71
C GLY A 174 25.10 -9.66 -27.19
N ASN A 175 25.30 -10.74 -27.95
CA ASN A 175 25.65 -10.62 -29.36
C ASN A 175 24.97 -11.70 -30.20
N ASP A 176 23.76 -12.16 -29.80
CA ASP A 176 23.11 -13.26 -30.50
C ASP A 176 21.77 -12.84 -31.11
N LEU A 177 21.78 -11.72 -31.82
CA LEU A 177 20.59 -11.33 -32.59
C LEU A 177 20.33 -12.36 -33.68
N GLY A 178 19.06 -12.51 -34.05
CA GLY A 178 18.67 -13.41 -35.11
C GLY A 178 18.40 -14.83 -34.67
N ALA A 179 18.66 -15.15 -33.41
CA ALA A 179 18.41 -16.48 -32.84
C ALA A 179 17.06 -16.50 -32.13
N GLY A 180 16.95 -17.22 -31.00
CA GLY A 180 15.65 -17.40 -30.37
C GLY A 180 15.31 -16.41 -29.28
N GLY A 181 16.01 -15.28 -29.25
CA GLY A 181 15.81 -14.30 -28.21
C GLY A 181 16.39 -14.74 -26.88
N GLU A 182 16.12 -13.93 -25.86
CA GLU A 182 16.59 -14.20 -24.51
C GLU A 182 15.48 -13.80 -23.55
N THR A 183 15.17 -14.71 -22.61
CA THR A 183 14.12 -14.40 -21.63
C THR A 183 14.61 -13.35 -20.66
N VAL A 184 13.66 -12.72 -19.96
CA VAL A 184 14.04 -11.76 -18.92
C VAL A 184 14.85 -12.45 -17.83
N SER A 185 14.44 -13.68 -17.44
CA SER A 185 15.15 -14.42 -16.40
CA SER A 185 15.17 -14.36 -16.38
C SER A 185 16.56 -14.77 -16.83
N ALA A 186 16.74 -15.20 -18.08
CA ALA A 186 18.08 -15.59 -18.52
C ALA A 186 18.98 -14.38 -18.63
N ALA A 187 18.44 -13.25 -19.12
CA ALA A 187 19.24 -12.03 -19.22
C ALA A 187 19.68 -11.58 -17.84
N ARG A 188 18.77 -11.62 -16.87
CA ARG A 188 19.15 -11.18 -15.54
C ARG A 188 20.27 -12.05 -14.97
N ALA A 189 20.19 -13.36 -15.19
CA ALA A 189 21.26 -14.24 -14.74
C ALA A 189 22.58 -13.95 -15.46
N ARG A 190 22.50 -13.71 -16.77
CA ARG A 190 23.70 -13.49 -17.55
C ARG A 190 24.46 -12.25 -17.08
N VAL A 191 23.75 -11.19 -16.70
CA VAL A 191 24.40 -9.92 -16.38
C VAL A 191 24.35 -9.60 -14.89
N ASN A 192 23.88 -10.52 -14.04
CA ASN A 192 23.82 -10.31 -12.60
C ASN A 192 22.99 -9.08 -12.22
N ALA A 193 21.85 -8.90 -12.87
CA ALA A 193 21.05 -7.70 -12.65
C ALA A 193 20.32 -7.77 -11.32
N LEU A 194 20.06 -6.60 -10.75
CA LEU A 194 19.18 -6.50 -9.58
C LEU A 194 17.75 -6.86 -9.92
N ALA A 195 17.32 -6.51 -11.12
CA ALA A 195 15.95 -6.68 -11.58
C ALA A 195 15.93 -6.34 -13.05
N GLY A 196 14.85 -6.74 -13.70
CA GLY A 196 14.78 -6.46 -15.13
C GLY A 196 13.39 -6.71 -15.67
N VAL A 197 13.17 -6.15 -16.86
CA VAL A 197 11.90 -6.30 -17.59
CA VAL A 197 11.90 -6.27 -17.59
C VAL A 197 12.23 -6.50 -19.06
N ASN A 198 11.23 -6.92 -19.82
CA ASN A 198 11.44 -7.02 -21.26
C ASN A 198 11.49 -5.61 -21.86
N GLY A 199 11.98 -5.51 -23.10
CA GLY A 199 12.21 -4.23 -23.74
C GLY A 199 11.21 -3.89 -24.83
N GLY A 200 11.70 -3.40 -25.96
CA GLY A 200 10.84 -2.95 -27.05
C GLY A 200 10.48 -4.06 -28.03
N PHE A 201 9.90 -3.63 -29.16
CA PHE A 201 9.47 -4.62 -30.13
C PHE A 201 10.64 -5.31 -30.81
N PHE A 202 10.36 -6.51 -31.31
CA PHE A 202 11.38 -7.32 -31.96
C PHE A 202 10.70 -8.19 -33.02
N THR A 203 11.51 -8.78 -33.91
CA THR A 203 10.94 -9.63 -34.94
C THR A 203 10.47 -10.94 -34.31
N ASN A 204 9.17 -11.23 -34.43
CA ASN A 204 8.60 -12.42 -33.80
C ASN A 204 7.74 -13.23 -34.76
N ILE A 205 7.88 -13.00 -36.06
CA ILE A 205 7.19 -13.80 -37.05
C ILE A 205 8.02 -15.04 -37.35
N ASN A 206 7.34 -16.14 -37.68
CA ASN A 206 7.98 -17.42 -37.94
C ASN A 206 7.44 -18.04 -39.22
N PRO A 207 7.63 -17.37 -40.36
CA PRO A 207 7.03 -17.87 -41.61
C PRO A 207 7.66 -19.15 -42.11
N PHE A 208 8.86 -19.50 -41.66
CA PHE A 208 9.51 -20.71 -42.10
C PHE A 208 9.27 -21.89 -41.16
N GLY A 209 8.51 -21.69 -40.10
CA GLY A 209 8.16 -22.81 -39.22
C GLY A 209 9.34 -23.40 -38.47
N ALA A 210 10.28 -22.55 -38.06
CA ALA A 210 11.38 -22.97 -37.22
C ALA A 210 10.87 -23.24 -35.80
N PRO A 211 11.68 -23.89 -34.95
CA PRO A 211 11.24 -24.13 -33.56
C PRO A 211 10.88 -22.83 -32.84
N LEU A 212 11.62 -21.77 -33.09
CA LEU A 212 11.30 -20.44 -32.59
C LEU A 212 11.47 -19.44 -33.72
N PRO A 213 10.74 -18.32 -33.66
CA PRO A 213 11.00 -17.25 -34.61
C PRO A 213 12.44 -16.78 -34.50
N PRO A 214 13.01 -16.24 -35.58
CA PRO A 214 14.31 -15.55 -35.48
C PRO A 214 14.10 -14.14 -34.97
N ARG A 215 14.79 -13.79 -33.88
CA ARG A 215 14.41 -12.63 -33.07
C ARG A 215 15.54 -11.60 -33.01
N SER A 216 15.25 -10.38 -33.46
CA SER A 216 16.13 -9.23 -33.33
C SER A 216 15.30 -8.03 -32.94
N PRO A 217 15.86 -7.11 -32.15
CA PRO A 217 15.16 -5.84 -31.89
C PRO A 217 14.84 -5.12 -33.19
N VAL A 218 13.68 -4.46 -33.23
CA VAL A 218 13.39 -3.53 -34.32
C VAL A 218 13.04 -2.18 -33.71
N GLY A 219 13.00 -1.18 -34.57
CA GLY A 219 12.96 0.20 -34.12
C GLY A 219 14.35 0.68 -33.77
N ALA A 220 14.47 1.99 -33.61
CA ALA A 220 15.78 2.58 -33.36
C ALA A 220 16.33 2.05 -32.05
N THR A 221 17.46 1.34 -32.13
CA THR A 221 18.01 0.62 -30.99
C THR A 221 19.47 1.00 -30.89
N VAL A 222 19.88 1.51 -29.73
CA VAL A 222 21.25 1.96 -29.51
C VAL A 222 21.72 1.37 -28.18
N VAL A 223 22.92 0.79 -28.18
CA VAL A 223 23.53 0.26 -26.96
C VAL A 223 24.90 0.90 -26.83
N ASP A 224 25.08 1.76 -25.83
CA ASP A 224 26.38 2.42 -25.58
C ASP A 224 26.92 3.11 -26.83
N GLY A 225 26.04 3.86 -27.49
CA GLY A 225 26.42 4.59 -28.69
C GLY A 225 26.42 3.81 -29.98
N ARG A 226 26.24 2.49 -29.94
CA ARG A 226 26.29 1.65 -31.14
C ARG A 226 24.87 1.43 -31.66
N LEU A 227 24.65 1.78 -32.93
CA LEU A 227 23.34 1.61 -33.55
C LEU A 227 23.16 0.13 -33.92
N VAL A 228 22.09 -0.47 -33.41
CA VAL A 228 21.84 -1.90 -33.53
C VAL A 228 20.71 -2.20 -34.53
N ALA A 229 19.76 -1.30 -34.70
CA ALA A 229 18.66 -1.47 -35.65
C ALA A 229 18.10 -0.09 -35.97
N ALA A 230 17.45 0.02 -37.13
CA ALA A 230 16.95 1.31 -37.60
C ALA A 230 15.55 1.61 -37.05
N ALA A 231 15.19 2.89 -37.11
CA ALA A 231 13.85 3.32 -36.74
C ALA A 231 12.80 2.62 -37.59
N ILE A 232 11.66 2.29 -36.99
CA ILE A 232 10.53 1.84 -37.81
CA ILE A 232 10.53 1.84 -37.80
C ILE A 232 9.89 3.01 -38.53
N GLY A 233 9.78 4.17 -37.86
CA GLY A 233 9.20 5.34 -38.48
C GLY A 233 8.10 5.92 -37.61
N ARG A 234 8.23 7.19 -37.22
CA ARG A 234 7.23 7.95 -36.47
C ARG A 234 7.02 7.46 -35.02
N ARG A 235 7.95 6.67 -34.47
CA ARG A 235 7.69 6.01 -33.22
C ARG A 235 8.51 6.56 -32.06
N PRO A 236 8.02 6.37 -30.84
CA PRO A 236 8.69 6.90 -29.65
C PRO A 236 9.59 5.88 -29.01
N GLY A 237 10.30 6.29 -27.96
CA GLY A 237 11.18 5.34 -27.30
C GLY A 237 11.65 5.88 -25.98
N LEU A 238 12.53 5.11 -25.35
CA LEU A 238 13.10 5.48 -24.07
C LEU A 238 14.59 5.68 -24.31
N LEU A 239 15.05 6.91 -24.11
CA LEU A 239 16.46 7.28 -24.22
C LEU A 239 17.10 7.26 -22.84
N LEU A 240 18.26 6.61 -22.73
CA LEU A 240 19.05 6.56 -21.51
C LEU A 240 20.41 7.18 -21.79
N ALA A 241 20.73 8.27 -21.11
CA ALA A 241 21.98 8.97 -21.36
C ALA A 241 22.57 9.42 -20.03
N ARG A 242 23.76 9.99 -20.10
CA ARG A 242 24.43 10.55 -18.92
C ARG A 242 24.34 12.06 -18.97
N ASP A 243 23.90 12.67 -17.87
CA ASP A 243 23.82 14.13 -17.80
C ASP A 243 25.18 14.70 -17.42
N ALA A 244 25.22 16.01 -17.15
CA ALA A 244 26.48 16.68 -16.84
C ALA A 244 27.08 16.20 -15.52
N ASN A 245 26.24 15.85 -14.55
CA ASN A 245 26.70 15.31 -13.27
C ASN A 245 27.08 13.84 -13.37
N GLY A 246 27.08 13.25 -14.56
CA GLY A 246 27.34 11.83 -14.69
C GLY A 246 26.20 10.94 -14.26
N ARG A 247 25.06 11.51 -13.90
CA ARG A 247 23.89 10.72 -13.54
C ARG A 247 23.19 10.22 -14.80
N GLN A 248 22.61 9.03 -14.67
CA GLN A 248 21.71 8.55 -15.71
CA GLN A 248 21.70 8.55 -15.70
C GLN A 248 20.52 9.49 -15.84
N ARG A 249 20.09 9.71 -17.06
CA ARG A 249 18.90 10.50 -17.34
C ARG A 249 18.07 9.74 -18.35
N ALA A 250 16.80 9.49 -18.02
CA ALA A 250 15.87 8.87 -18.94
C ALA A 250 14.95 9.92 -19.54
N THR A 251 14.69 9.78 -20.82
CA THR A 251 13.79 10.68 -21.54
C THR A 251 12.89 9.82 -22.43
N VAL A 252 11.59 10.09 -22.38
CA VAL A 252 10.69 9.54 -23.38
C VAL A 252 10.77 10.46 -24.60
N VAL A 253 11.28 9.91 -25.71
CA VAL A 253 11.49 10.69 -26.92
C VAL A 253 10.43 10.30 -27.94
N ARG A 254 10.18 11.18 -28.90
CA ARG A 254 9.13 10.91 -29.89
C ARG A 254 9.66 11.05 -31.30
N ASN A 255 8.96 10.39 -32.23
CA ASN A 255 9.20 10.56 -33.67
C ASN A 255 10.67 10.28 -34.02
N LEU A 256 11.11 9.07 -33.66
CA LEU A 256 12.48 8.64 -33.93
C LEU A 256 12.68 8.39 -35.41
N ALA A 257 13.84 8.82 -35.92
CA ALA A 257 14.19 8.58 -37.32
C ALA A 257 15.67 8.25 -37.40
N THR A 258 16.03 7.41 -38.38
CA THR A 258 17.43 7.08 -38.61
C THR A 258 17.72 7.17 -40.09
N ALA A 259 18.98 7.46 -40.41
CA ALA A 259 19.44 7.37 -41.77
C ALA A 259 20.74 6.60 -41.74
N ILE A 260 20.82 5.52 -42.52
CA ILE A 260 22.02 4.69 -42.59
C ILE A 260 22.38 4.67 -44.07
N THR A 261 23.47 5.35 -44.44
CA THR A 261 23.75 5.60 -45.85
C THR A 261 25.07 4.94 -46.23
N LEU A 262 25.01 4.06 -47.23
CA LEU A 262 26.19 3.41 -47.78
C LEU A 262 26.68 4.21 -48.97
N THR A 263 27.98 4.52 -49.01
CA THR A 263 28.55 5.26 -50.13
C THR A 263 29.81 4.60 -50.64
N ASP A 264 30.07 4.79 -51.94
CA ASP A 264 31.37 4.41 -52.49
C ASP A 264 32.27 5.65 -52.61
N ALA A 265 33.49 5.44 -53.10
CA ALA A 265 34.45 6.53 -53.11
C ALA A 265 34.14 7.58 -54.16
N GLN A 266 33.25 7.28 -55.09
CA GLN A 266 32.78 8.26 -56.06
C GLN A 266 31.58 9.05 -55.56
N GLY A 267 31.07 8.72 -54.37
CA GLY A 267 29.93 9.42 -53.81
C GLY A 267 28.57 8.82 -54.11
N ARG A 268 28.50 7.77 -54.94
CA ARG A 268 27.21 7.11 -55.15
C ARG A 268 26.72 6.51 -53.83
N ALA A 269 25.43 6.68 -53.57
CA ALA A 269 24.87 6.39 -52.26
C ALA A 269 23.65 5.48 -52.39
N ILE A 270 23.40 4.71 -51.33
CA ILE A 270 22.22 3.87 -51.28
C ILE A 270 21.80 3.74 -49.81
N ALA A 271 20.51 3.76 -49.56
CA ALA A 271 20.01 3.73 -48.18
C ALA A 271 19.98 2.30 -47.65
N VAL A 272 20.70 2.06 -46.55
CA VAL A 272 20.58 0.81 -45.84
C VAL A 272 19.30 0.86 -45.02
N GLN A 273 18.48 -0.20 -45.11
CA GLN A 273 17.16 -0.12 -44.50
C GLN A 273 17.22 -0.36 -43.00
N THR A 274 17.99 -1.35 -42.57
CA THR A 274 18.18 -1.59 -41.14
C THR A 274 19.44 -2.43 -40.95
N LEU A 275 19.67 -2.81 -39.70
CA LEU A 275 20.77 -3.68 -39.31
CA LEU A 275 20.77 -3.70 -39.35
C LEU A 275 20.22 -4.92 -38.64
N ASN A 276 20.88 -6.06 -38.88
CA ASN A 276 20.76 -7.23 -38.01
C ASN A 276 19.35 -7.80 -37.92
N ARG A 277 18.54 -7.66 -39.01
CA ARG A 277 17.17 -8.18 -39.00
C ARG A 277 17.09 -9.48 -39.78
N PRO A 278 16.55 -10.55 -39.20
CA PRO A 278 16.37 -11.77 -39.99
C PRO A 278 15.24 -11.58 -40.99
N ILE A 279 15.40 -12.27 -42.13
CA ILE A 279 14.45 -12.37 -43.24
C ILE A 279 14.53 -11.11 -44.09
N LEU A 280 15.41 -11.15 -45.09
CA LEU A 280 15.58 -10.04 -46.01
C LEU A 280 14.32 -9.90 -46.85
N GLY A 281 13.82 -8.66 -47.00
CA GLY A 281 12.64 -8.40 -47.80
C GLY A 281 11.33 -8.38 -47.02
N THR A 282 11.32 -8.86 -45.77
CA THR A 282 10.12 -8.89 -44.94
C THR A 282 10.25 -7.84 -43.85
N VAL A 283 9.22 -7.01 -43.70
CA VAL A 283 9.25 -5.90 -42.75
C VAL A 283 7.99 -5.98 -41.89
N VAL A 284 8.03 -6.77 -40.81
CA VAL A 284 6.93 -6.71 -39.85
C VAL A 284 6.96 -5.35 -39.16
N ASN A 285 5.78 -4.74 -39.02
CA ASN A 285 5.47 -3.40 -38.47
C ASN A 285 5.59 -2.33 -39.55
N CYS A 286 5.91 -2.70 -40.80
CA CYS A 286 5.88 -1.80 -41.95
C CYS A 286 6.82 -0.61 -41.66
N GLY A 287 6.39 0.61 -41.94
CA GLY A 287 7.22 1.77 -41.69
C GLY A 287 8.17 2.07 -42.84
N ALA A 288 9.15 2.93 -42.54
CA ALA A 288 10.04 3.50 -43.56
C ALA A 288 10.89 2.45 -44.26
N GLN A 289 11.13 1.31 -43.62
CA GLN A 289 11.85 0.21 -44.26
C GLN A 289 10.99 -0.57 -45.25
N ALA A 290 9.68 -0.36 -45.24
CA ALA A 290 8.77 -1.13 -46.08
C ALA A 290 8.37 -0.33 -47.30
N ARG A 291 7.94 -1.06 -48.34
CA ARG A 291 7.41 -0.44 -49.55
C ARG A 291 5.99 -0.86 -49.88
N THR A 292 5.60 -2.10 -49.56
CA THR A 292 4.31 -2.65 -50.01
C THR A 292 3.65 -3.35 -48.84
N PRO A 293 2.40 -3.03 -48.52
CA PRO A 293 1.48 -2.07 -49.15
C PRO A 293 1.64 -0.64 -48.67
N THR A 294 2.57 -0.38 -47.75
CA THR A 294 2.67 0.96 -47.20
C THR A 294 4.08 1.18 -46.66
N SER A 295 4.44 2.45 -46.51
CA SER A 295 5.66 2.84 -45.80
CA SER A 295 5.65 2.83 -45.80
C SER A 295 5.34 3.54 -44.48
N GLU A 296 4.07 3.54 -44.07
CA GLU A 296 3.68 4.03 -42.75
C GLU A 296 3.85 2.89 -41.74
N PRO A 297 4.14 3.21 -40.48
CA PRO A 297 4.18 2.17 -39.46
C PRO A 297 2.80 1.56 -39.25
N ALA A 298 2.79 0.26 -38.96
CA ALA A 298 1.54 -0.48 -38.77
C ALA A 298 1.89 -1.73 -37.94
N GLN A 299 1.69 -1.64 -36.63
CA GLN A 299 2.17 -2.69 -35.75
C GLN A 299 1.58 -4.04 -36.12
N ASP A 300 2.46 -5.06 -36.23
CA ASP A 300 2.18 -6.46 -36.48
C ASP A 300 1.78 -6.72 -37.93
N THR A 301 1.53 -5.68 -38.73
CA THR A 301 1.28 -5.88 -40.15
C THR A 301 2.57 -6.27 -40.85
N VAL A 302 2.48 -7.20 -41.79
CA VAL A 302 3.70 -7.68 -42.47
C VAL A 302 3.76 -7.03 -43.85
N CYS A 303 4.76 -6.18 -44.03
CA CYS A 303 5.00 -5.52 -45.30
C CYS A 303 6.23 -6.14 -45.95
N THR A 304 6.46 -5.77 -47.22
CA THR A 304 7.67 -6.20 -47.91
C THR A 304 8.47 -5.01 -48.43
N ASN A 305 9.74 -5.27 -48.75
CA ASN A 305 10.62 -4.35 -49.49
C ASN A 305 11.45 -5.24 -50.40
N TYR A 306 11.07 -5.32 -51.67
CA TYR A 306 11.79 -6.17 -52.62
C TYR A 306 12.97 -5.44 -53.26
N ASP A 307 13.38 -4.30 -52.70
CA ASP A 307 14.66 -3.66 -52.99
C ASP A 307 15.49 -3.58 -51.70
N ASP A 308 15.29 -4.54 -50.81
CA ASP A 308 15.80 -4.43 -49.45
C ASP A 308 17.34 -4.36 -49.42
N LEU A 309 17.86 -3.77 -48.35
CA LEU A 309 19.30 -3.70 -48.11
C LEU A 309 19.48 -3.70 -46.60
N VAL A 310 20.11 -4.74 -46.07
CA VAL A 310 20.30 -4.88 -44.63
C VAL A 310 21.76 -5.18 -44.35
N MET A 311 22.28 -4.60 -43.27
CA MET A 311 23.66 -4.75 -42.84
CA MET A 311 23.66 -4.78 -42.85
C MET A 311 23.71 -5.67 -41.63
N TYR A 312 24.67 -6.61 -41.60
CA TYR A 312 24.82 -7.55 -40.50
C TYR A 312 26.23 -7.48 -39.94
N ASP A 313 26.34 -7.53 -38.61
CA ASP A 313 27.67 -7.35 -38.01
C ASP A 313 27.85 -8.35 -36.88
N SER A 314 28.84 -8.06 -36.00
CA SER A 314 29.25 -8.97 -34.93
C SER A 314 28.13 -9.25 -33.93
N LEU A 315 27.06 -8.46 -33.93
CA LEU A 315 25.99 -8.71 -32.99
C LEU A 315 24.95 -9.70 -33.50
N TYR A 316 25.04 -10.10 -34.76
CA TYR A 316 24.10 -11.05 -35.35
C TYR A 316 24.70 -12.45 -35.29
N LEU A 317 24.00 -13.37 -34.61
CA LEU A 317 24.41 -14.78 -34.50
C LEU A 317 25.88 -14.89 -34.06
N ARG A 318 26.28 -13.98 -33.17
CA ARG A 318 27.62 -13.92 -32.57
C ARG A 318 28.71 -13.74 -33.62
N GLY A 319 28.35 -13.19 -34.78
CA GLY A 319 29.30 -13.04 -35.86
C GLY A 319 29.62 -14.31 -36.59
N GLY A 320 28.93 -15.42 -36.27
CA GLY A 320 29.24 -16.69 -36.91
C GLY A 320 28.63 -16.83 -38.28
N ALA A 321 27.59 -16.05 -38.57
CA ALA A 321 26.88 -16.07 -39.85
C ALA A 321 26.09 -14.78 -39.95
N SER A 322 25.71 -14.41 -41.16
CA SER A 322 24.73 -13.35 -41.37
C SER A 322 23.40 -13.99 -41.73
N ASN A 323 22.42 -13.18 -42.11
CA ASN A 323 21.09 -13.69 -42.43
C ASN A 323 21.13 -14.67 -43.60
N THR A 324 20.25 -15.68 -43.55
CA THR A 324 20.13 -16.65 -44.64
C THR A 324 18.73 -16.74 -45.22
N LEU A 325 17.77 -15.97 -44.72
CA LEU A 325 16.37 -16.11 -45.12
C LEU A 325 15.92 -14.94 -45.99
N VAL A 326 15.03 -15.23 -46.94
CA VAL A 326 14.46 -14.22 -47.82
C VAL A 326 12.95 -14.40 -47.87
N ASP A 327 12.22 -13.29 -47.86
CA ASP A 327 10.78 -13.32 -48.05
C ASP A 327 10.37 -14.27 -49.18
N ALA A 328 9.46 -15.20 -48.88
CA ALA A 328 9.12 -16.26 -49.83
C ALA A 328 8.43 -15.72 -51.07
N GLY A 329 7.85 -14.52 -51.00
CA GLY A 329 7.23 -13.96 -52.19
C GLY A 329 8.16 -13.22 -53.12
N TYR A 330 9.41 -13.02 -52.71
CA TYR A 330 10.37 -12.29 -53.53
C TYR A 330 10.83 -13.14 -54.70
N GLN A 331 10.90 -12.52 -55.87
CA GLN A 331 11.40 -13.16 -57.08
C GLN A 331 12.48 -12.25 -57.64
N GLY A 332 13.67 -12.75 -57.77
CA GLY A 332 14.72 -11.96 -58.36
C GLY A 332 16.06 -12.31 -57.74
N ALA A 333 17.02 -11.44 -58.01
CA ALA A 333 18.40 -11.70 -57.63
C ALA A 333 18.64 -11.34 -56.17
N ARG A 334 19.63 -11.99 -55.61
CA ARG A 334 20.11 -11.73 -54.25
CA ARG A 334 20.10 -11.65 -54.27
C ARG A 334 21.62 -11.51 -54.32
N TYR A 335 22.14 -10.65 -53.46
CA TYR A 335 23.60 -10.46 -53.49
C TYR A 335 24.07 -10.00 -52.12
N GLU A 336 25.33 -10.33 -51.81
CA GLU A 336 25.93 -10.04 -50.52
C GLU A 336 27.36 -9.57 -50.73
N LEU A 337 27.75 -8.51 -49.98
CA LEU A 337 29.12 -8.04 -49.94
C LEU A 337 29.65 -8.22 -48.53
N VAL A 338 30.87 -8.70 -48.42
CA VAL A 338 31.56 -8.82 -47.15
C VAL A 338 32.59 -7.69 -47.09
N VAL A 339 32.58 -6.90 -46.00
CA VAL A 339 33.39 -5.69 -45.92
C VAL A 339 34.25 -5.74 -44.66
N ASP A 340 35.54 -5.41 -44.79
CA ASP A 340 36.44 -5.51 -43.65
C ASP A 340 36.43 -4.24 -42.80
N ALA A 341 37.23 -4.27 -41.72
CA ALA A 341 37.23 -3.19 -40.75
C ALA A 341 37.74 -1.87 -41.34
N ASN A 342 38.47 -1.92 -42.44
CA ASN A 342 38.94 -0.71 -43.09
C ASN A 342 37.98 -0.19 -44.14
N GLY A 343 36.81 -0.82 -44.29
CA GLY A 343 35.85 -0.37 -45.28
C GLY A 343 36.11 -0.90 -46.67
N ALA A 344 36.96 -1.91 -46.80
CA ALA A 344 37.28 -2.46 -48.11
C ALA A 344 36.50 -3.75 -48.33
N VAL A 345 35.93 -3.88 -49.53
CA VAL A 345 35.23 -5.10 -49.90
C VAL A 345 36.20 -6.27 -49.89
N VAL A 346 35.79 -7.35 -49.25
CA VAL A 346 36.56 -8.60 -49.24
C VAL A 346 36.08 -9.53 -50.34
N ALA A 347 34.77 -9.66 -50.47
CA ALA A 347 34.18 -10.59 -51.43
C ALA A 347 32.75 -10.18 -51.68
N GLY A 348 32.27 -10.51 -52.87
CA GLY A 348 30.86 -10.47 -53.18
C GLY A 348 30.42 -11.77 -53.83
N HIS A 349 29.16 -12.14 -53.59
CA HIS A 349 28.61 -13.38 -54.13
C HIS A 349 27.09 -13.34 -54.04
N ALA A 350 26.46 -14.23 -54.80
CA ALA A 350 25.00 -14.22 -54.94
C ALA A 350 24.29 -15.03 -53.85
N THR A 351 25.01 -15.63 -52.92
CA THR A 351 24.42 -16.38 -51.82
C THR A 351 24.43 -15.50 -50.57
N LEU A 352 23.51 -15.79 -49.65
CA LEU A 352 23.41 -15.03 -48.42
C LEU A 352 23.87 -15.86 -47.23
N GLY A 353 24.64 -15.23 -46.34
CA GLY A 353 24.89 -15.80 -45.02
C GLY A 353 26.32 -15.78 -44.55
N ALA A 354 27.24 -15.23 -45.34
CA ALA A 354 28.64 -15.22 -44.94
C ALA A 354 28.84 -14.44 -43.63
N PRO A 355 29.80 -14.87 -42.80
CA PRO A 355 30.05 -14.15 -41.55
C PRO A 355 30.81 -12.86 -41.80
N PRO A 356 30.67 -11.86 -40.92
CA PRO A 356 31.45 -10.62 -41.07
C PRO A 356 32.90 -10.83 -40.69
N PRO A 357 33.83 -10.11 -41.34
CA PRO A 357 35.21 -10.08 -40.86
C PRO A 357 35.28 -9.43 -39.49
N PRO A 358 36.42 -9.55 -38.81
CA PRO A 358 36.59 -8.85 -37.52
C PRO A 358 36.38 -7.36 -37.65
N ASN A 359 35.44 -6.83 -36.85
CA ASN A 359 35.08 -5.42 -36.86
C ASN A 359 34.57 -4.97 -38.23
N GLY A 360 34.12 -5.91 -39.05
CA GLY A 360 33.53 -5.61 -40.33
C GLY A 360 32.04 -5.89 -40.36
N TYR A 361 31.53 -6.08 -41.58
CA TYR A 361 30.08 -6.25 -41.69
C TYR A 361 29.77 -6.88 -43.03
N VAL A 362 28.52 -7.30 -43.18
CA VAL A 362 28.01 -7.95 -44.37
C VAL A 362 26.81 -7.14 -44.85
N LEU A 363 26.75 -6.86 -46.15
CA LEU A 363 25.59 -6.20 -46.73
C LEU A 363 24.83 -7.21 -47.57
N GLN A 364 23.51 -7.25 -47.43
CA GLN A 364 22.69 -8.15 -48.23
C GLN A 364 21.61 -7.34 -48.93
N GLY A 365 21.40 -7.59 -50.22
CA GLY A 365 20.45 -6.80 -51.00
C GLY A 365 19.59 -7.63 -51.92
N LEU A 366 18.39 -7.09 -52.17
CA LEU A 366 17.43 -7.57 -53.16
C LEU A 366 17.22 -6.50 -54.21
N GLY A 367 16.72 -6.91 -55.38
CA GLY A 367 16.26 -5.92 -56.34
C GLY A 367 17.37 -4.95 -56.72
N ALA A 368 17.04 -3.66 -56.70
CA ALA A 368 18.02 -2.64 -57.09
C ALA A 368 19.22 -2.62 -56.14
N SER A 369 19.01 -3.01 -54.88
CA SER A 369 20.12 -3.06 -53.93
C SER A 369 21.09 -4.18 -54.28
N ALA A 370 20.57 -5.35 -54.68
CA ALA A 370 21.43 -6.42 -55.14
C ALA A 370 22.30 -5.95 -56.29
N ALA A 371 21.70 -5.22 -57.23
CA ALA A 371 22.46 -4.73 -58.37
C ALA A 371 23.53 -3.74 -57.95
N TRP A 372 23.21 -2.84 -57.02
CA TRP A 372 24.20 -1.90 -56.52
C TRP A 372 25.37 -2.62 -55.88
N LEU A 373 25.07 -3.63 -55.03
CA LEU A 373 26.14 -4.38 -54.37
C LEU A 373 27.02 -5.12 -55.38
N GLN A 374 26.40 -5.77 -56.36
CA GLN A 374 27.20 -6.53 -57.32
C GLN A 374 28.12 -5.61 -58.11
N ALA A 375 27.70 -4.37 -58.35
CA ALA A 375 28.54 -3.40 -59.05
C ALA A 375 29.74 -2.94 -58.22
N HIS A 376 29.75 -3.26 -56.92
CA HIS A 376 30.85 -2.92 -56.03
C HIS A 376 31.59 -4.14 -55.50
N ALA A 377 31.50 -5.27 -56.20
CA ALA A 377 32.03 -6.52 -55.67
C ALA A 377 33.53 -6.70 -55.85
N THR A 378 34.21 -5.85 -56.61
CA THR A 378 35.65 -6.04 -56.78
C THR A 378 36.36 -5.91 -55.45
N PRO A 379 37.17 -6.89 -55.05
CA PRO A 379 37.87 -6.79 -53.76
C PRO A 379 38.73 -5.53 -53.70
N GLY A 380 38.70 -4.88 -52.53
CA GLY A 380 39.39 -3.62 -52.35
C GLY A 380 38.51 -2.41 -52.54
N THR A 381 37.33 -2.56 -53.13
CA THR A 381 36.44 -1.41 -53.32
C THR A 381 36.14 -0.77 -51.96
N ARG A 382 36.31 0.54 -51.89
CA ARG A 382 36.18 1.27 -50.63
C ARG A 382 34.75 1.74 -50.42
N LEU A 383 34.17 1.38 -49.26
CA LEU A 383 32.81 1.74 -48.91
C LEU A 383 32.81 2.42 -47.56
N ALA A 384 31.80 3.27 -47.33
CA ALA A 384 31.62 3.89 -46.03
C ALA A 384 30.15 3.85 -45.66
N VAL A 385 29.87 3.77 -44.36
CA VAL A 385 28.49 3.80 -43.86
C VAL A 385 28.38 4.94 -42.87
N SER A 386 27.44 5.84 -43.09
CA SER A 386 27.18 6.89 -42.12
C SER A 386 25.87 6.62 -41.42
N ARG A 387 25.81 6.98 -40.13
CA ARG A 387 24.63 6.75 -39.30
C ARG A 387 24.19 8.05 -38.69
N ARG A 388 22.90 8.36 -38.81
CA ARG A 388 22.32 9.53 -38.16
C ARG A 388 21.05 9.09 -37.44
N LEU A 389 20.82 9.68 -36.26
CA LEU A 389 19.66 9.39 -35.43
C LEU A 389 19.06 10.70 -34.97
N SER A 390 17.73 10.80 -35.01
CA SER A 390 17.06 12.01 -34.54
C SER A 390 15.77 11.66 -33.83
N ALA A 391 15.33 12.58 -32.97
CA ALA A 391 14.06 12.47 -32.27
C ALA A 391 13.31 13.77 -32.54
N ASP A 392 12.18 13.66 -33.22
CA ASP A 392 11.37 14.81 -33.62
C ASP A 392 12.23 15.90 -34.28
N GLY A 393 13.11 15.46 -35.18
CA GLY A 393 13.92 16.38 -35.97
C GLY A 393 15.23 16.79 -35.33
N ALA A 394 15.41 16.58 -34.03
CA ALA A 394 16.62 16.97 -33.32
C ALA A 394 17.61 15.82 -33.32
N ASP A 395 18.84 16.10 -33.75
CA ASP A 395 19.86 15.06 -33.79
C ASP A 395 20.15 14.52 -32.40
N LEU A 396 20.29 13.20 -32.30
CA LEU A 396 20.75 12.52 -31.09
C LEU A 396 22.09 11.90 -31.39
N ALA A 397 23.13 12.33 -30.68
CA ALA A 397 24.46 11.82 -30.96
C ALA A 397 24.58 10.35 -30.60
N LEU A 398 25.16 9.57 -31.52
CA LEU A 398 25.45 8.15 -31.30
C LEU A 398 26.75 8.04 -30.50
N ALA A 399 26.64 8.39 -29.23
CA ALA A 399 27.80 8.58 -28.36
C ALA A 399 27.84 7.53 -27.27
N SER A 400 29.06 7.21 -26.83
CA SER A 400 29.21 6.31 -25.70
CA SER A 400 29.22 6.32 -25.69
C SER A 400 28.40 6.84 -24.52
N GLY A 401 27.80 5.92 -23.78
CA GLY A 401 26.95 6.30 -22.67
C GLY A 401 25.49 6.49 -23.02
N THR A 402 25.15 6.48 -24.31
CA THR A 402 23.77 6.64 -24.76
C THR A 402 23.19 5.30 -25.20
N SER A 403 21.98 4.97 -24.72
CA SER A 403 21.25 3.81 -25.20
C SER A 403 19.82 4.23 -25.49
N LEU A 404 19.15 3.44 -26.32
CA LEU A 404 17.82 3.80 -26.81
C LEU A 404 17.07 2.54 -27.19
N VAL A 405 15.80 2.48 -26.80
CA VAL A 405 14.91 1.41 -27.25
C VAL A 405 13.62 2.06 -27.74
N GLU A 406 13.14 1.60 -28.89
CA GLU A 406 11.95 2.12 -29.51
C GLU A 406 10.77 1.19 -29.26
N ALA A 407 9.58 1.75 -29.08
CA ALA A 407 8.39 0.92 -28.98
C ALA A 407 7.19 1.81 -29.26
N GLY A 408 6.26 1.91 -28.33
CA GLY A 408 5.07 2.73 -28.55
C GLY A 408 3.77 1.99 -28.28
N PRO A 409 2.65 2.74 -28.23
CA PRO A 409 2.58 4.19 -28.43
C PRO A 409 3.04 5.02 -27.23
N THR A 410 3.24 6.32 -27.47
CA THR A 410 3.38 7.25 -26.36
C THR A 410 2.08 7.25 -25.55
N LEU A 411 2.20 7.13 -24.23
CA LEU A 411 1.01 7.06 -23.38
C LEU A 411 0.63 8.40 -22.79
N SER A 412 1.60 9.28 -22.59
CA SER A 412 1.43 10.54 -21.87
C SER A 412 1.03 11.66 -22.82
N VAL A 413 -0.15 11.49 -23.43
CA VAL A 413 -0.69 12.43 -24.40
C VAL A 413 -2.18 12.59 -24.15
N PRO A 414 -2.73 13.77 -24.49
CA PRO A 414 -4.15 14.00 -24.22
C PRO A 414 -5.08 13.35 -25.21
N ASN A 415 -4.58 12.92 -26.37
CA ASN A 415 -5.39 12.47 -27.49
C ASN A 415 -4.90 11.07 -27.88
N LEU A 416 -5.07 10.10 -26.98
CA LEU A 416 -4.29 8.87 -27.08
C LEU A 416 -4.55 8.11 -28.37
N ALA A 417 -5.83 7.90 -28.72
CA ALA A 417 -6.12 7.11 -29.92
C ALA A 417 -5.57 7.78 -31.17
N GLN A 418 -5.74 9.10 -31.28
CA GLN A 418 -5.26 9.79 -32.48
C GLN A 418 -3.74 9.78 -32.53
N SER A 419 -3.09 10.05 -31.39
CA SER A 419 -1.64 10.03 -31.33
C SER A 419 -1.09 8.65 -31.62
N ALA A 420 -1.70 7.62 -31.03
CA ALA A 420 -1.23 6.26 -31.25
C ALA A 420 -1.39 5.87 -32.72
N ALA A 421 -2.49 6.30 -33.34
CA ALA A 421 -2.67 6.04 -34.76
C ALA A 421 -1.56 6.67 -35.59
N GLN A 422 -1.18 7.92 -35.28
CA GLN A 422 -0.10 8.56 -36.02
C GLN A 422 1.23 7.82 -35.84
N GLU A 423 1.42 7.14 -34.72
CA GLU A 423 2.62 6.36 -34.45
C GLU A 423 2.55 4.95 -35.01
N GLY A 424 1.46 4.58 -35.66
CA GLY A 424 1.35 3.28 -36.26
C GLY A 424 0.66 2.23 -35.44
N PHE A 425 -0.29 2.62 -34.61
CA PHE A 425 -1.13 1.67 -33.84
C PHE A 425 -2.56 2.14 -34.11
N ALA A 426 -3.14 1.72 -35.23
CA ALA A 426 -4.34 2.36 -35.75
C ALA A 426 -5.43 1.37 -36.15
N PRO A 427 -6.69 1.83 -36.20
CA PRO A 427 -7.79 0.96 -36.66
C PRO A 427 -7.78 0.67 -38.14
N THR A 428 -6.99 1.40 -38.94
CA THR A 428 -6.78 1.11 -40.35
C THR A 428 -5.29 1.18 -40.60
N VAL A 429 -4.83 0.42 -41.59
CA VAL A 429 -3.39 0.39 -41.89
C VAL A 429 -3.02 1.70 -42.57
N GLY A 430 -2.11 2.45 -41.95
CA GLY A 430 -1.79 3.78 -42.45
C GLY A 430 -1.21 3.74 -43.85
N GLY A 431 -1.62 4.71 -44.67
CA GLY A 431 -1.08 4.82 -46.02
C GLY A 431 -1.64 3.83 -47.02
N VAL A 432 -2.68 3.09 -46.67
CA VAL A 432 -3.35 2.17 -47.58
C VAL A 432 -4.69 2.79 -47.98
N ASP A 433 -4.95 2.85 -49.27
CA ASP A 433 -6.21 3.42 -49.76
C ASP A 433 -7.40 2.66 -49.18
N ALA A 434 -8.41 3.41 -48.74
CA ALA A 434 -9.61 2.79 -48.17
C ALA A 434 -10.40 2.05 -49.23
N ALA A 438 -6.98 -4.45 -47.62
CA ALA A 438 -5.84 -4.46 -46.69
C ALA A 438 -5.91 -3.29 -45.72
N ALA A 439 -6.66 -2.24 -46.08
CA ALA A 439 -6.73 -1.05 -45.24
C ALA A 439 -7.37 -1.33 -43.89
N ALA A 440 -8.45 -2.13 -43.86
CA ALA A 440 -9.17 -2.34 -42.60
C ALA A 440 -8.28 -3.05 -41.59
N ASN A 441 -8.36 -2.62 -40.34
CA ASN A 441 -7.46 -3.16 -39.32
C ASN A 441 -8.18 -3.26 -37.98
N GLY A 442 -9.52 -3.37 -38.01
CA GLY A 442 -10.28 -3.39 -36.78
C GLY A 442 -10.08 -4.66 -35.96
N ASN A 443 -9.86 -5.79 -36.61
CA ASN A 443 -9.64 -7.02 -35.87
C ASN A 443 -8.35 -6.92 -35.04
N TRP A 444 -7.25 -6.55 -35.69
CA TRP A 444 -6.00 -6.35 -34.95
C TRP A 444 -6.15 -5.29 -33.87
N TYR A 445 -6.79 -4.17 -34.20
CA TYR A 445 -6.84 -3.05 -33.25
C TYR A 445 -7.68 -3.40 -32.06
N ASN A 446 -8.80 -4.07 -32.30
CA ASN A 446 -9.62 -4.56 -31.19
C ASN A 446 -8.80 -5.43 -30.25
N GLY A 447 -8.02 -6.35 -30.81
CA GLY A 447 -7.29 -7.27 -29.97
C GLY A 447 -6.05 -6.70 -29.30
N TRP A 448 -5.42 -5.70 -29.90
CA TRP A 448 -4.15 -5.17 -29.42
C TRP A 448 -4.32 -3.92 -28.56
N TYR A 449 -5.18 -3.00 -28.98
CA TYR A 449 -5.37 -1.72 -28.31
C TYR A 449 -6.54 -1.73 -27.35
N VAL A 450 -7.69 -2.23 -27.77
CA VAL A 450 -8.90 -2.12 -26.96
C VAL A 450 -8.95 -3.23 -25.91
N ALA A 451 -8.62 -4.45 -26.31
CA ALA A 451 -8.69 -5.59 -25.41
C ALA A 451 -7.50 -5.61 -24.46
N ARG A 452 -7.62 -6.44 -23.43
CA ARG A 452 -6.62 -6.49 -22.38
C ARG A 452 -5.53 -7.49 -22.74
N ASN A 453 -4.29 -7.09 -22.50
CA ASN A 453 -3.13 -7.92 -22.73
C ASN A 453 -2.15 -7.68 -21.60
N GLY A 454 -1.18 -8.58 -21.44
CA GLY A 454 0.00 -8.23 -20.69
C GLY A 454 0.65 -6.99 -21.28
N ARG A 455 1.27 -6.17 -20.43
CA ARG A 455 1.91 -4.95 -20.92
C ARG A 455 3.20 -4.69 -20.16
N THR A 456 4.12 -3.99 -20.81
CA THR A 456 5.27 -3.39 -20.13
C THR A 456 5.33 -1.94 -20.58
N ALA A 457 5.67 -1.04 -19.67
CA ALA A 457 5.77 0.37 -20.03
C ALA A 457 6.87 1.04 -19.20
N ALA A 458 7.35 2.17 -19.73
CA ALA A 458 8.40 2.92 -19.07
C ALA A 458 7.98 4.37 -18.97
N GLY A 459 8.34 5.01 -17.87
CA GLY A 459 7.99 6.40 -17.70
C GLY A 459 8.99 7.12 -16.82
N VAL A 460 8.85 8.45 -16.78
CA VAL A 460 9.74 9.29 -15.98
C VAL A 460 8.89 10.23 -15.15
N ALA A 461 9.19 10.29 -13.85
CA ALA A 461 8.49 11.21 -12.96
C ALA A 461 9.07 12.63 -13.08
N ALA A 462 8.34 13.59 -12.48
CA ALA A 462 8.77 14.98 -12.56
C ALA A 462 10.16 15.20 -11.98
N ASP A 463 10.56 14.39 -10.99
CA ASP A 463 11.89 14.51 -10.38
C ASP A 463 12.95 13.68 -11.10
N GLY A 464 12.61 13.02 -12.21
CA GLY A 464 13.58 12.21 -12.92
C GLY A 464 13.59 10.75 -12.55
N THR A 465 12.82 10.34 -11.53
CA THR A 465 12.73 8.92 -11.20
C THR A 465 12.21 8.14 -12.40
N ILE A 466 12.89 7.04 -12.71
CA ILE A 466 12.53 6.15 -13.80
C ILE A 466 11.59 5.08 -13.28
N LEU A 467 10.48 4.87 -13.98
CA LEU A 467 9.47 3.91 -13.56
C LEU A 467 9.30 2.86 -14.65
N LEU A 468 9.51 1.60 -14.30
CA LEU A 468 9.31 0.49 -15.20
C LEU A 468 8.16 -0.35 -14.69
N VAL A 469 7.17 -0.59 -15.54
CA VAL A 469 5.92 -1.17 -15.09
C VAL A 469 5.62 -2.38 -15.96
N GLU A 470 5.26 -3.48 -15.32
CA GLU A 470 4.81 -4.68 -16.02
C GLU A 470 3.46 -5.11 -15.45
N ILE A 471 2.53 -5.45 -16.34
CA ILE A 471 1.19 -5.84 -15.93
C ILE A 471 0.92 -7.21 -16.52
N ASP A 472 0.64 -8.20 -15.68
CA ASP A 472 0.38 -9.54 -16.17
C ASP A 472 -0.98 -9.57 -16.86
N GLY A 473 -1.13 -10.43 -17.89
CA GLY A 473 -2.36 -10.41 -18.66
C GLY A 473 -2.83 -11.78 -19.14
N ARG A 474 -4.03 -11.77 -19.74
CA ARG A 474 -4.61 -12.93 -20.41
C ARG A 474 -4.94 -14.07 -19.46
N GLN A 475 -5.05 -13.79 -18.15
CA GLN A 475 -5.23 -14.85 -17.16
C GLN A 475 -6.39 -14.50 -16.24
N PRO A 476 -7.61 -14.92 -16.60
CA PRO A 476 -8.81 -14.43 -15.92
C PRO A 476 -8.87 -14.70 -14.42
N THR A 477 -8.14 -15.68 -13.89
CA THR A 477 -8.18 -15.91 -12.45
C THR A 477 -6.99 -15.27 -11.72
N LEU A 478 -6.09 -14.61 -12.45
CA LEU A 478 -4.83 -14.16 -11.87
C LEU A 478 -4.57 -12.71 -12.22
N SER A 479 -4.59 -12.37 -13.52
CA SER A 479 -4.47 -10.97 -13.93
C SER A 479 -5.02 -10.83 -15.34
N VAL A 480 -5.99 -9.95 -15.51
CA VAL A 480 -6.62 -9.82 -16.83
C VAL A 480 -5.82 -8.97 -17.79
N GLY A 481 -4.83 -8.22 -17.32
CA GLY A 481 -4.12 -7.31 -18.21
C GLY A 481 -4.84 -5.99 -18.40
N THR A 482 -4.32 -5.17 -19.32
CA THR A 482 -4.88 -3.84 -19.52
C THR A 482 -5.01 -3.52 -20.99
N SER A 483 -6.01 -2.71 -21.31
CA SER A 483 -6.08 -2.07 -22.62
C SER A 483 -4.98 -1.01 -22.71
N ILE A 484 -4.76 -0.45 -23.90
CA ILE A 484 -3.81 0.64 -24.02
C ILE A 484 -4.28 1.85 -23.20
N PRO A 485 -5.55 2.26 -23.24
CA PRO A 485 -5.97 3.36 -22.37
C PRO A 485 -5.79 3.08 -20.89
N GLU A 486 -6.05 1.84 -20.44
CA GLU A 486 -5.81 1.51 -19.02
C GLU A 486 -4.35 1.60 -18.67
N THR A 487 -3.47 1.19 -19.59
CA THR A 487 -2.03 1.27 -19.34
C THR A 487 -1.60 2.71 -19.19
N ALA A 488 -2.08 3.60 -20.07
CA ALA A 488 -1.80 5.02 -19.92
C ALA A 488 -2.32 5.56 -18.59
N ALA A 489 -3.51 5.12 -18.17
CA ALA A 489 -4.06 5.61 -16.90
C ALA A 489 -3.21 5.17 -15.72
N VAL A 490 -2.69 3.93 -15.76
CA VAL A 490 -1.84 3.46 -14.67
C VAL A 490 -0.56 4.28 -14.60
N MET A 491 0.05 4.57 -15.76
CA MET A 491 1.29 5.33 -15.75
C MET A 491 1.08 6.75 -15.23
N ALA A 492 -0.03 7.39 -15.61
CA ALA A 492 -0.31 8.73 -15.11
C ALA A 492 -0.58 8.70 -13.60
N TRP A 493 -1.36 7.72 -13.15
CA TRP A 493 -1.64 7.57 -11.72
C TRP A 493 -0.36 7.36 -10.92
N LEU A 494 0.56 6.57 -11.46
CA LEU A 494 1.79 6.26 -10.76
C LEU A 494 2.66 7.49 -10.57
N GLY A 495 2.47 8.52 -11.40
CA GLY A 495 3.26 9.73 -11.35
C GLY A 495 4.24 9.89 -12.48
N ALA A 496 4.18 9.04 -13.50
CA ALA A 496 4.98 9.27 -14.69
C ALA A 496 4.37 10.42 -15.46
N THR A 497 5.12 11.50 -15.63
CA THR A 497 4.60 12.62 -16.41
C THR A 497 4.94 12.48 -17.89
N SER A 498 5.87 11.58 -18.23
CA SER A 498 6.06 11.09 -19.59
C SER A 498 6.06 9.57 -19.53
N ALA A 499 5.51 8.91 -20.55
CA ALA A 499 5.41 7.47 -20.47
C ALA A 499 5.23 6.91 -21.87
N VAL A 500 5.79 5.72 -22.09
CA VAL A 500 5.73 5.05 -23.39
C VAL A 500 5.48 3.57 -23.16
N ASN A 501 4.58 3.01 -23.96
CA ASN A 501 4.31 1.57 -23.95
C ASN A 501 5.50 0.83 -24.56
N LEU A 502 5.98 -0.20 -23.86
CA LEU A 502 6.99 -1.11 -24.41
C LEU A 502 6.28 -2.35 -24.94
N ASP A 503 7.05 -3.40 -25.26
CA ASP A 503 6.42 -4.60 -25.81
C ASP A 503 5.57 -5.31 -24.76
N GLY A 504 4.46 -5.89 -25.18
CA GLY A 504 3.51 -6.50 -24.27
C GLY A 504 3.11 -7.90 -24.71
N GLY A 505 1.90 -8.28 -24.32
CA GLY A 505 1.47 -9.65 -24.56
C GLY A 505 2.36 -10.64 -23.83
N GLY A 506 2.66 -11.76 -24.50
CA GLY A 506 3.49 -12.79 -23.91
C GLY A 506 4.92 -12.38 -23.70
N SER A 507 5.32 -11.23 -24.26
CA SER A 507 6.69 -10.75 -24.04
C SER A 507 6.86 -10.23 -22.63
N SER A 508 5.77 -9.75 -22.02
CA SER A 508 5.91 -9.01 -20.77
C SER A 508 6.29 -9.91 -19.60
N ASN A 509 7.30 -9.48 -18.85
CA ASN A 509 7.70 -10.16 -17.63
C ASN A 509 8.59 -9.21 -16.83
N MET A 510 8.66 -9.47 -15.52
CA MET A 510 9.60 -8.80 -14.64
C MET A 510 10.22 -9.81 -13.70
N VAL A 511 11.53 -9.64 -13.43
CA VAL A 511 12.22 -10.44 -12.43
C VAL A 511 12.88 -9.51 -11.41
N VAL A 512 12.92 -9.97 -10.17
CA VAL A 512 13.59 -9.25 -9.09
C VAL A 512 14.58 -10.23 -8.46
N GLY A 513 15.87 -9.98 -8.67
CA GLY A 513 16.85 -10.98 -8.26
C GLY A 513 16.54 -12.29 -8.95
N GLY A 514 16.68 -13.39 -8.23
CA GLY A 514 16.36 -14.68 -8.80
C GLY A 514 14.88 -15.01 -8.86
N LYS A 515 14.00 -14.08 -8.52
CA LYS A 515 12.56 -14.35 -8.41
C LYS A 515 11.82 -13.78 -9.60
N MET A 516 11.04 -14.62 -10.27
CA MET A 516 10.14 -14.12 -11.30
C MET A 516 8.91 -13.55 -10.62
N VAL A 517 8.69 -12.25 -10.76
CA VAL A 517 7.52 -11.63 -10.16
C VAL A 517 6.38 -11.42 -11.16
N GLY A 518 6.67 -11.41 -12.46
CA GLY A 518 5.61 -11.45 -13.44
C GLY A 518 5.12 -12.87 -13.65
N HIS A 519 4.09 -12.97 -14.48
CA HIS A 519 3.43 -14.24 -14.77
C HIS A 519 3.23 -14.30 -16.27
N PRO A 520 4.23 -14.76 -17.01
CA PRO A 520 4.15 -14.73 -18.49
C PRO A 520 2.89 -15.41 -19.01
N SER A 521 2.29 -14.81 -20.05
CA SER A 521 0.98 -15.23 -20.51
C SER A 521 0.99 -16.33 -21.57
N ASP A 522 2.12 -16.57 -22.26
CA ASP A 522 2.15 -17.66 -23.24
C ASP A 522 1.94 -19.01 -22.55
N ALA A 523 1.20 -19.90 -23.21
CA ALA A 523 1.01 -21.25 -22.68
C ALA A 523 2.34 -21.95 -22.46
N VAL A 524 3.33 -21.70 -23.34
CA VAL A 524 4.62 -22.39 -23.22
C VAL A 524 5.53 -21.75 -22.19
N GLY A 525 5.14 -20.64 -21.58
CA GLY A 525 5.91 -20.04 -20.52
C GLY A 525 6.60 -18.74 -20.94
N GLU A 526 7.67 -18.42 -20.21
CA GLU A 526 8.39 -17.16 -20.44
C GLU A 526 8.92 -17.09 -21.87
N ARG A 527 8.73 -15.95 -22.51
CA ARG A 527 9.09 -15.79 -23.92
C ARG A 527 10.51 -15.22 -24.07
N GLY A 528 11.27 -15.78 -25.00
CA GLY A 528 12.52 -15.16 -25.39
C GLY A 528 12.25 -13.89 -26.19
N VAL A 529 12.86 -12.78 -25.79
CA VAL A 529 12.56 -11.50 -26.42
C VAL A 529 13.82 -10.92 -27.08
N GLY A 530 13.68 -9.75 -27.69
CA GLY A 530 14.74 -9.24 -28.55
C GLY A 530 15.64 -8.22 -27.90
N ASP A 531 15.30 -7.80 -26.67
CA ASP A 531 16.15 -6.98 -25.82
C ASP A 531 15.43 -6.83 -24.50
N THR A 532 16.20 -6.57 -23.45
CA THR A 532 15.63 -6.42 -22.13
C THR A 532 16.22 -5.18 -21.49
N LEU A 533 15.51 -4.68 -20.47
CA LEU A 533 15.99 -3.58 -19.65
C LEU A 533 16.44 -4.16 -18.31
N MET A 534 17.74 -4.09 -18.06
CA MET A 534 18.36 -4.73 -16.89
C MET A 534 18.94 -3.65 -15.99
N LEU A 535 18.59 -3.72 -14.71
CA LEU A 535 19.11 -2.80 -13.71
C LEU A 535 20.39 -3.40 -13.14
N LEU A 536 21.53 -2.83 -13.51
CA LEU A 536 22.79 -3.41 -13.07
C LEU A 536 23.19 -2.84 -11.72
N PRO A 537 23.73 -3.66 -10.81
CA PRO A 537 24.08 -3.16 -9.47
C PRO A 537 25.22 -2.15 -9.51
N ALA B 15 -11.45 22.04 1.56
CA ALA B 15 -10.49 20.96 1.78
C ALA B 15 -10.70 19.82 0.78
N GLN B 16 -9.62 19.38 0.15
CA GLN B 16 -9.69 18.23 -0.73
C GLN B 16 -9.99 16.97 0.07
N ARG B 17 -10.62 15.99 -0.58
CA ARG B 17 -10.99 14.76 0.10
C ARG B 17 -9.75 14.08 0.67
N TRP B 18 -9.86 13.58 1.90
CA TRP B 18 -8.78 12.81 2.49
C TRP B 18 -8.47 11.60 1.63
N ALA B 19 -7.19 11.28 1.54
CA ALA B 19 -6.73 10.10 0.86
C ALA B 19 -5.56 9.50 1.62
N MET B 20 -5.40 8.18 1.50
CA MET B 20 -4.26 7.54 2.13
C MET B 20 -2.99 8.19 1.63
N PRO B 21 -1.99 8.37 2.49
CA PRO B 21 -0.79 9.12 2.07
C PRO B 21 0.03 8.37 1.04
N GLY B 22 0.74 9.15 0.22
CA GLY B 22 1.58 8.68 -0.86
C GLY B 22 3.06 8.64 -0.48
N THR B 23 3.34 8.38 0.79
CA THR B 23 4.70 8.15 1.28
C THR B 23 4.68 6.99 2.27
N GLU B 24 5.86 6.44 2.58
CA GLU B 24 5.94 5.30 3.49
C GLU B 24 5.61 5.69 4.93
N LEU B 25 5.15 4.69 5.68
CA LEU B 25 4.88 4.88 7.11
C LEU B 25 6.15 5.30 7.84
N PRO B 26 6.14 6.40 8.60
CA PRO B 26 7.37 6.97 9.17
C PRO B 26 7.75 6.32 10.50
N LEU B 27 8.01 5.01 10.45
CA LEU B 27 8.51 4.26 11.59
C LEU B 27 9.77 3.52 11.14
N GLY B 28 10.78 3.50 12.01
CA GLY B 28 12.06 2.91 11.67
C GLY B 28 12.79 3.70 10.60
N PRO B 29 13.88 3.13 10.11
CA PRO B 29 14.67 3.79 9.06
C PRO B 29 13.89 3.89 7.75
N GLN B 30 14.34 4.81 6.90
CA GLN B 30 13.81 4.87 5.54
C GLN B 30 14.12 3.57 4.81
N GLY B 31 13.16 3.14 4.00
CA GLY B 31 13.40 2.05 3.08
C GLY B 31 12.98 0.68 3.54
N LEU B 32 12.44 0.53 4.76
CA LEU B 32 11.98 -0.77 5.22
C LEU B 32 10.90 -1.32 4.29
N ALA B 33 10.79 -2.65 4.26
CA ALA B 33 9.72 -3.27 3.50
C ALA B 33 8.38 -2.89 4.13
N GLN B 34 7.35 -2.73 3.31
CA GLN B 34 6.03 -2.50 3.89
C GLN B 34 4.97 -2.94 2.90
N SER B 35 3.74 -3.07 3.42
CA SER B 35 2.60 -3.39 2.57
C SER B 35 1.40 -2.64 3.11
N VAL B 36 0.52 -2.23 2.21
CA VAL B 36 -0.71 -1.55 2.59
C VAL B 36 -1.87 -2.20 1.88
N SER B 37 -2.88 -2.64 2.63
CA SER B 37 -4.11 -3.14 2.03
C SER B 37 -5.20 -2.09 2.15
N THR B 38 -6.08 -2.09 1.14
CA THR B 38 -7.26 -1.22 1.07
C THR B 38 -8.50 -2.07 0.91
N GLN B 39 -9.57 -1.72 1.63
CA GLN B 39 -10.84 -2.43 1.52
C GLN B 39 -11.97 -1.44 1.76
N THR B 40 -13.02 -1.52 0.96
CA THR B 40 -14.23 -0.73 1.17
C THR B 40 -15.22 -1.54 2.00
N LEU B 41 -15.61 -1.01 3.16
CA LEU B 41 -16.55 -1.72 4.02
C LEU B 41 -18.00 -1.34 3.80
N ALA B 42 -18.24 -0.09 3.39
CA ALA B 42 -19.58 0.47 3.31
C ALA B 42 -19.42 1.84 2.68
N ALA B 43 -20.55 2.48 2.39
CA ALA B 43 -20.51 3.84 1.86
C ALA B 43 -19.67 4.71 2.77
N GLY B 44 -18.64 5.35 2.19
CA GLY B 44 -17.79 6.24 2.95
C GLY B 44 -16.98 5.60 4.06
N VAL B 45 -16.77 4.29 4.02
CA VAL B 45 -16.01 3.60 5.08
C VAL B 45 -14.94 2.73 4.44
N ALA B 46 -13.68 2.96 4.79
CA ALA B 46 -12.59 2.13 4.30
C ALA B 46 -11.75 1.60 5.46
N TYR B 47 -11.11 0.46 5.22
CA TYR B 47 -10.25 -0.18 6.20
C TYR B 47 -8.91 -0.50 5.53
N TYR B 48 -7.82 -0.19 6.24
CA TYR B 48 -6.46 -0.40 5.75
C TYR B 48 -5.64 -1.12 6.79
N GLN B 49 -4.76 -2.00 6.34
CA GLN B 49 -3.72 -2.51 7.24
C GLN B 49 -2.37 -2.20 6.65
N ILE B 50 -1.48 -1.62 7.44
CA ILE B 50 -0.10 -1.37 7.04
C ILE B 50 0.79 -2.32 7.83
N LYS B 51 1.60 -3.11 7.15
CA LYS B 51 2.64 -3.89 7.80
C LYS B 51 3.96 -3.29 7.40
N ARG B 52 4.89 -3.15 8.36
CA ARG B 52 6.18 -2.55 8.02
C ARG B 52 7.31 -3.18 8.80
N GLY B 53 8.44 -3.39 8.11
CA GLY B 53 9.68 -3.71 8.81
C GLY B 53 9.81 -5.18 9.13
N ALA B 54 10.74 -5.46 10.05
CA ALA B 54 11.13 -6.83 10.32
C ALA B 54 11.90 -6.85 11.62
N ALA B 55 11.84 -7.98 12.30
CA ALA B 55 12.58 -8.15 13.55
C ALA B 55 14.07 -8.06 13.27
N SER B 56 14.75 -7.17 14.00
CA SER B 56 16.16 -6.91 13.79
C SER B 56 17.00 -7.80 14.71
N ALA B 57 18.10 -8.33 14.18
CA ALA B 57 18.99 -9.07 15.06
C ALA B 57 19.68 -8.16 16.06
N ALA B 58 19.64 -6.83 15.86
CA ALA B 58 20.21 -5.89 16.83
C ALA B 58 19.36 -5.75 18.07
N ASP B 59 18.10 -6.19 18.02
CA ASP B 59 17.23 -6.29 19.19
C ASP B 59 17.17 -7.74 19.66
N PHE B 60 16.90 -7.93 20.96
CA PHE B 60 17.03 -9.27 21.53
C PHE B 60 16.31 -9.33 22.87
N TRP B 61 16.12 -10.56 23.36
CA TRP B 61 15.62 -10.79 24.71
C TRP B 61 16.74 -10.67 25.73
N THR B 62 16.40 -10.13 26.90
CA THR B 62 17.40 -10.01 27.96
C THR B 62 16.73 -10.28 29.29
N VAL B 63 17.54 -10.71 30.27
CA VAL B 63 17.05 -10.79 31.65
C VAL B 63 16.88 -9.38 32.20
N ASN B 64 15.74 -9.12 32.84
CA ASN B 64 15.42 -7.77 33.30
C ASN B 64 15.47 -7.76 34.82
N LEU B 65 16.48 -7.11 35.39
CA LEU B 65 16.54 -6.96 36.83
C LEU B 65 15.77 -5.74 37.33
N GLY B 66 15.38 -4.85 36.44
CA GLY B 66 14.52 -3.75 36.83
C GLY B 66 14.95 -2.44 36.21
N PHE B 67 14.14 -1.40 36.40
CA PHE B 67 14.40 -0.07 35.86
C PHE B 67 14.69 0.87 37.02
N TYR B 68 15.89 1.44 37.02
CA TYR B 68 16.40 2.21 38.13
C TYR B 68 16.45 3.69 37.80
N ALA B 69 16.27 4.51 38.85
CA ALA B 69 16.24 5.96 38.65
C ALA B 69 17.56 6.51 38.15
N THR B 70 18.69 5.89 38.53
CA THR B 70 19.98 6.36 38.07
C THR B 70 20.94 5.19 37.96
N GLN B 71 22.08 5.44 37.31
CA GLN B 71 23.10 4.41 37.18
C GLN B 71 23.59 3.95 38.56
N ALA B 72 23.77 4.88 39.50
CA ALA B 72 24.27 4.50 40.82
C ALA B 72 23.35 3.48 41.50
N ALA B 73 22.03 3.67 41.37
CA ALA B 73 21.08 2.72 41.96
C ALA B 73 21.25 1.33 41.37
N ALA B 74 21.49 1.23 40.07
CA ALA B 74 21.67 -0.07 39.43
C ALA B 74 22.98 -0.73 39.84
N GLN B 75 23.99 0.07 40.16
CA GLN B 75 25.34 -0.47 40.37
C GLN B 75 25.40 -1.39 41.59
N ALA B 76 24.64 -1.08 42.64
CA ALA B 76 24.66 -1.92 43.84
C ALA B 76 24.11 -3.31 43.53
N ASP B 77 22.98 -3.37 42.83
CA ASP B 77 22.44 -4.68 42.46
C ASP B 77 23.37 -5.39 41.47
N ALA B 78 23.99 -4.63 40.56
CA ALA B 78 24.92 -5.25 39.61
C ALA B 78 26.08 -5.89 40.34
N ALA B 79 26.60 -5.24 41.39
CA ALA B 79 27.73 -5.80 42.13
C ALA B 79 27.31 -7.04 42.92
N ASN B 80 26.09 -7.05 43.48
CA ASN B 80 25.65 -8.27 44.15
C ASN B 80 25.53 -9.42 43.17
N LEU B 81 24.99 -9.14 41.99
CA LEU B 81 24.88 -10.17 40.98
C LEU B 81 26.26 -10.65 40.55
N ALA B 82 27.21 -9.72 40.45
CA ALA B 82 28.59 -10.10 40.12
C ALA B 82 29.14 -11.05 41.18
N ALA B 83 28.93 -10.69 42.45
CA ALA B 83 29.44 -11.53 43.53
C ALA B 83 28.81 -12.93 43.48
N ALA B 84 27.56 -13.03 43.03
CA ALA B 84 26.84 -14.29 42.86
C ALA B 84 27.18 -14.99 41.56
N GLY B 85 27.99 -14.41 40.70
CA GLY B 85 28.45 -15.05 39.49
C GLY B 85 27.70 -14.70 38.22
N PHE B 86 27.18 -13.49 38.10
CA PHE B 86 26.46 -13.09 36.89
C PHE B 86 26.90 -11.71 36.43
N ALA B 87 27.30 -11.62 35.16
CA ALA B 87 27.60 -10.33 34.55
C ALA B 87 26.32 -9.68 34.07
N THR B 88 26.34 -8.35 34.05
CA THR B 88 25.17 -7.56 33.71
C THR B 88 25.53 -6.50 32.67
N ARG B 89 24.51 -5.77 32.24
CA ARG B 89 24.64 -4.70 31.26
C ARG B 89 23.64 -3.63 31.67
N VAL B 90 24.05 -2.37 31.70
CA VAL B 90 23.15 -1.26 32.00
C VAL B 90 22.67 -0.63 30.70
N ASP B 91 21.35 -0.49 30.55
CA ASP B 91 20.69 0.02 29.35
C ASP B 91 19.96 1.31 29.70
N ALA B 92 20.41 2.43 29.13
CA ALA B 92 19.76 3.71 29.40
C ALA B 92 18.38 3.78 28.79
N SER B 93 17.47 4.48 29.47
CA SER B 93 16.18 4.84 28.89
C SER B 93 16.41 5.49 27.52
N ALA B 94 15.46 5.25 26.61
CA ALA B 94 15.48 5.94 25.33
C ALA B 94 14.96 7.37 25.43
N GLY B 95 14.53 7.82 26.62
CA GLY B 95 13.92 9.13 26.73
C GLY B 95 14.40 9.89 27.96
N THR B 96 13.86 11.11 28.09
CA THR B 96 14.24 12.03 29.13
C THR B 96 13.02 12.64 29.78
N ASP B 97 13.24 13.31 30.91
CA ASP B 97 12.20 14.11 31.54
C ASP B 97 12.13 15.46 30.83
N LEU B 98 11.33 16.39 31.37
CA LEU B 98 11.13 17.65 30.66
C LEU B 98 12.36 18.54 30.67
N GLN B 99 13.35 18.25 31.54
CA GLN B 99 14.60 19.00 31.58
C GLN B 99 15.71 18.29 30.82
N GLY B 100 15.38 17.24 30.09
CA GLY B 100 16.38 16.52 29.32
C GLY B 100 17.23 15.54 30.10
N LYS B 101 16.90 15.25 31.35
CA LYS B 101 17.63 14.25 32.12
C LYS B 101 17.13 12.84 31.80
N VAL B 102 18.07 11.92 31.59
CA VAL B 102 17.71 10.52 31.31
C VAL B 102 16.76 10.00 32.38
N LEU B 103 15.69 9.32 31.94
CA LEU B 103 14.61 8.94 32.86
C LEU B 103 15.05 7.86 33.84
N GLY B 104 16.02 7.05 33.46
CA GLY B 104 16.45 5.95 34.30
C GLY B 104 17.23 4.95 33.45
N TYR B 105 17.59 3.84 34.10
CA TYR B 105 18.44 2.84 33.48
C TYR B 105 17.92 1.44 33.81
N TRP B 106 17.84 0.58 32.79
CA TRP B 106 17.59 -0.83 33.06
C TRP B 106 18.89 -1.50 33.49
N LEU B 107 18.78 -2.46 34.40
CA LEU B 107 19.85 -3.42 34.67
C LEU B 107 19.43 -4.72 34.03
N SER B 108 20.27 -5.25 33.15
CA SER B 108 19.93 -6.38 32.31
C SER B 108 21.03 -7.42 32.38
N ALA B 109 20.75 -8.60 31.83
CA ALA B 109 21.81 -9.62 31.70
C ALA B 109 21.54 -10.45 30.46
N GLY B 110 22.57 -10.62 29.64
CA GLY B 110 22.51 -11.53 28.50
C GLY B 110 21.86 -10.94 27.26
N ARG B 111 22.02 -11.68 26.16
CA ARG B 111 21.47 -11.35 24.85
C ARG B 111 20.98 -12.67 24.27
N TYR B 112 19.67 -12.83 24.11
CA TYR B 112 19.09 -14.12 23.76
C TYR B 112 18.14 -13.97 22.58
N ALA B 113 18.17 -14.95 21.67
CA ALA B 113 17.28 -14.86 20.51
C ALA B 113 15.82 -15.10 20.89
N THR B 114 15.56 -15.87 21.94
CA THR B 114 14.19 -16.27 22.27
C THR B 114 13.87 -15.93 23.73
N GLN B 115 12.58 -15.75 23.99
CA GLN B 115 12.15 -15.46 25.36
C GLN B 115 12.44 -16.62 26.29
N ALA B 116 12.35 -17.86 25.79
CA ALA B 116 12.57 -19.02 26.65
C ALA B 116 13.99 -19.04 27.17
N GLU B 117 14.96 -18.67 26.33
CA GLU B 117 16.33 -18.56 26.80
C GLU B 117 16.47 -17.56 27.93
N ALA B 118 15.82 -16.40 27.79
CA ALA B 118 15.92 -15.36 28.82
C ALA B 118 15.21 -15.80 30.09
N THR B 119 14.06 -16.47 29.95
CA THR B 119 13.36 -16.98 31.11
C THR B 119 14.21 -17.97 31.90
N ALA B 120 14.88 -18.90 31.20
CA ALA B 120 15.75 -19.85 31.90
C ALA B 120 16.94 -19.14 32.55
N ALA B 121 17.50 -18.13 31.87
CA ALA B 121 18.61 -17.38 32.44
C ALA B 121 18.17 -16.63 33.70
N ALA B 122 16.95 -16.09 33.68
CA ALA B 122 16.42 -15.43 34.87
C ALA B 122 16.28 -16.42 36.02
N ALA B 123 15.86 -17.64 35.70
CA ALA B 123 15.68 -18.66 36.74
C ALA B 123 17.00 -19.09 37.35
N ARG B 124 18.09 -19.09 36.57
CA ARG B 124 19.40 -19.43 37.13
C ARG B 124 19.83 -18.36 38.15
N ILE B 125 19.49 -17.11 37.89
CA ILE B 125 19.82 -16.03 38.82
C ILE B 125 19.00 -16.18 40.10
N ALA B 126 17.69 -16.43 39.96
CA ALA B 126 16.86 -16.60 41.15
C ALA B 126 17.37 -17.77 41.99
N GLN B 127 17.74 -18.87 41.34
CA GLN B 127 18.19 -20.04 42.09
C GLN B 127 19.53 -19.76 42.77
N ALA B 128 20.45 -19.07 42.07
CA ALA B 128 21.77 -18.81 42.62
C ALA B 128 21.72 -17.83 43.79
N THR B 129 20.72 -16.94 43.80
CA THR B 129 20.59 -15.92 44.83
C THR B 129 19.51 -16.28 45.85
N GLN B 130 19.03 -17.51 45.82
CA GLN B 130 17.98 -17.99 46.73
C GLN B 130 16.79 -17.02 46.75
N ASN B 131 16.40 -16.59 45.55
CA ASN B 131 15.26 -15.71 45.28
C ASN B 131 15.43 -14.31 45.83
N ARG B 132 16.64 -13.91 46.24
CA ARG B 132 16.86 -12.50 46.55
C ARG B 132 16.68 -11.63 45.31
N TYR B 133 17.00 -12.17 44.14
CA TYR B 133 16.67 -11.55 42.86
C TYR B 133 15.75 -12.49 42.11
N LYS B 134 14.60 -11.96 41.66
CA LYS B 134 13.63 -12.70 40.87
C LYS B 134 13.40 -11.92 39.57
N PRO B 135 14.32 -12.04 38.63
CA PRO B 135 14.26 -11.20 37.43
C PRO B 135 13.14 -11.59 36.49
N GLY B 136 12.72 -10.62 35.70
CA GLY B 136 11.83 -10.84 34.57
C GLY B 136 12.61 -10.93 33.27
N THR B 137 11.88 -10.82 32.17
CA THR B 137 12.50 -10.78 30.84
C THR B 137 11.96 -9.57 30.09
N ARG B 138 12.75 -9.09 29.13
CA ARG B 138 12.45 -7.87 28.39
C ARG B 138 13.02 -8.01 26.99
N HIS B 139 12.26 -7.57 25.99
CA HIS B 139 12.78 -7.49 24.63
C HIS B 139 13.15 -6.06 24.29
N THR B 140 14.38 -5.85 23.81
CA THR B 140 14.88 -4.49 23.65
C THR B 140 14.18 -3.72 22.53
N SER B 141 13.50 -4.40 21.61
CA SER B 141 12.75 -3.69 20.57
C SER B 141 11.63 -2.85 21.14
N LEU B 142 11.23 -3.11 22.39
CA LEU B 142 10.07 -2.44 22.95
C LEU B 142 10.47 -1.19 23.74
N ALA B 143 11.77 -0.91 23.85
CA ALA B 143 12.26 0.15 24.75
C ALA B 143 12.01 1.55 24.20
N GLY B 144 11.81 1.70 22.90
CA GLY B 144 11.65 3.02 22.31
C GLY B 144 12.91 3.59 21.70
N ALA B 145 13.97 2.80 21.58
CA ALA B 145 15.15 3.18 20.84
C ALA B 145 14.95 2.85 19.37
N PRO B 146 15.82 3.34 18.49
CA PRO B 146 15.61 3.08 17.06
C PRO B 146 15.55 1.58 16.76
N THR B 147 14.62 1.21 15.87
CA THR B 147 14.39 -0.20 15.59
C THR B 147 13.86 -0.36 14.17
N THR B 148 13.96 -1.58 13.66
CA THR B 148 13.38 -1.90 12.36
C THR B 148 12.01 -2.55 12.47
N GLY B 149 11.46 -2.71 13.68
CA GLY B 149 10.10 -3.18 13.83
C GLY B 149 10.06 -4.65 14.17
N PRO B 150 9.05 -5.38 13.65
CA PRO B 150 8.02 -4.94 12.69
C PRO B 150 6.87 -4.20 13.35
N TRP B 151 5.99 -3.63 12.53
CA TRP B 151 4.78 -2.96 12.99
C TRP B 151 3.58 -3.46 12.21
N ILE B 152 2.43 -3.49 12.88
CA ILE B 152 1.13 -3.63 12.23
C ILE B 152 0.27 -2.45 12.66
N VAL B 153 -0.25 -1.71 11.68
CA VAL B 153 -1.08 -0.53 11.91
C VAL B 153 -2.41 -0.76 11.20
N ASN B 154 -3.51 -0.64 11.94
CA ASN B 154 -4.85 -0.83 11.41
C ASN B 154 -5.55 0.51 11.36
N VAL B 155 -6.21 0.82 10.24
CA VAL B 155 -6.81 2.14 10.06
C VAL B 155 -8.24 2.00 9.57
N LEU B 156 -9.16 2.65 10.27
CA LEU B 156 -10.53 2.79 9.79
CA LEU B 156 -10.53 2.79 9.81
C LEU B 156 -10.75 4.24 9.42
N ALA B 157 -11.20 4.49 8.19
CA ALA B 157 -11.45 5.84 7.72
C ALA B 157 -12.94 5.96 7.41
N ILE B 158 -13.61 6.91 8.07
CA ILE B 158 -15.05 7.10 7.96
C ILE B 158 -15.28 8.52 7.48
N ASP B 159 -15.84 8.67 6.28
CA ASP B 159 -16.17 9.99 5.76
C ASP B 159 -17.64 10.28 6.05
N PRO B 160 -17.95 11.11 7.05
CA PRO B 160 -19.36 11.33 7.42
C PRO B 160 -20.16 11.99 6.33
N SER B 161 -19.51 12.64 5.36
CA SER B 161 -20.27 13.26 4.28
C SER B 161 -20.86 12.24 3.33
N ARG B 162 -20.35 11.00 3.35
CA ARG B 162 -20.81 9.93 2.46
C ARG B 162 -21.34 8.71 3.20
N ALA B 163 -21.00 8.53 4.47
CA ALA B 163 -21.34 7.31 5.19
C ALA B 163 -22.76 7.37 5.72
N GLY B 164 -23.43 6.23 5.67
CA GLY B 164 -24.69 6.07 6.38
C GLY B 164 -24.44 5.46 7.75
N ALA B 165 -23.27 4.86 7.91
CA ALA B 165 -22.89 4.28 9.19
C ALA B 165 -22.60 5.39 10.19
N ALA B 166 -22.83 5.11 11.46
CA ALA B 166 -22.61 6.08 12.53
C ALA B 166 -21.70 5.47 13.59
N LEU B 167 -20.72 6.26 14.01
CA LEU B 167 -19.86 5.85 15.10
C LEU B 167 -20.60 6.06 16.41
N SER B 168 -20.57 5.05 17.27
CA SER B 168 -21.28 5.08 18.55
CA SER B 168 -21.29 5.05 18.54
C SER B 168 -20.31 4.71 19.66
N LEU B 169 -20.56 5.26 20.85
CA LEU B 169 -19.81 4.92 22.04
C LEU B 169 -20.62 3.88 22.81
N ALA B 170 -20.08 2.66 22.91
CA ALA B 170 -20.78 1.52 23.49
C ALA B 170 -20.20 1.22 24.86
N LEU B 171 -21.08 1.10 25.86
CA LEU B 171 -20.63 0.76 27.21
C LEU B 171 -20.65 -0.75 27.39
N PRO B 172 -19.91 -1.29 28.37
CA PRO B 172 -19.84 -2.76 28.53
C PRO B 172 -21.21 -3.35 28.82
N GLY B 173 -21.66 -4.23 27.92
CA GLY B 173 -22.98 -4.82 28.03
C GLY B 173 -24.12 -3.84 27.94
N GLY B 174 -23.84 -2.61 27.51
CA GLY B 174 -24.82 -1.53 27.48
C GLY B 174 -25.02 -0.89 28.83
N ASN B 175 -25.18 -1.71 29.88
CA ASN B 175 -25.55 -1.20 31.20
C ASN B 175 -24.86 -1.98 32.33
N ASP B 176 -23.66 -2.51 32.06
CA ASP B 176 -22.99 -3.33 33.06
C ASP B 176 -21.65 -2.70 33.50
N LEU B 177 -21.68 -1.43 33.90
CA LEU B 177 -20.48 -0.82 34.45
C LEU B 177 -20.18 -1.41 35.83
N GLY B 178 -18.90 -1.42 36.18
CA GLY B 178 -18.47 -1.95 37.47
C GLY B 178 -18.22 -3.45 37.45
N ALA B 179 -18.46 -4.11 36.33
CA ALA B 179 -18.24 -5.55 36.18
C ALA B 179 -16.87 -5.76 35.53
N GLY B 180 -16.77 -6.74 34.63
CA GLY B 180 -15.49 -7.10 34.05
C GLY B 180 -15.18 -6.48 32.71
N GLY B 181 -15.92 -5.45 32.29
CA GLY B 181 -15.70 -4.86 31.00
C GLY B 181 -16.26 -5.71 29.88
N GLU B 182 -15.94 -5.28 28.67
CA GLU B 182 -16.39 -5.97 27.47
C GLU B 182 -15.33 -5.78 26.41
N THR B 183 -14.98 -6.86 25.71
CA THR B 183 -13.95 -6.75 24.69
C THR B 183 -14.50 -6.04 23.46
N VAL B 184 -13.57 -5.61 22.60
CA VAL B 184 -13.96 -5.05 21.31
C VAL B 184 -14.73 -6.07 20.49
N SER B 185 -14.25 -7.32 20.44
CA SER B 185 -14.94 -8.31 19.62
C SER B 185 -16.33 -8.65 20.18
N ALA B 186 -16.47 -8.75 21.51
CA ALA B 186 -17.79 -9.08 22.06
C ALA B 186 -18.76 -7.91 21.89
N ALA B 187 -18.26 -6.68 22.05
CA ALA B 187 -19.14 -5.54 21.83
C ALA B 187 -19.62 -5.50 20.39
N ARG B 188 -18.71 -5.74 19.45
CA ARG B 188 -19.09 -5.69 18.04
C ARG B 188 -20.18 -6.71 17.72
N ALA B 189 -20.07 -7.93 18.28
CA ALA B 189 -21.09 -8.94 18.07
C ALA B 189 -22.41 -8.54 18.72
N ARG B 190 -22.35 -7.93 19.91
CA ARG B 190 -23.58 -7.58 20.61
C ARG B 190 -24.37 -6.51 19.87
N VAL B 191 -23.69 -5.50 19.32
CA VAL B 191 -24.38 -4.40 18.65
C VAL B 191 -24.37 -4.55 17.13
N ASN B 192 -23.81 -5.64 16.60
CA ASN B 192 -23.76 -5.93 15.17
C ASN B 192 -23.12 -4.79 14.37
N ALA B 193 -21.98 -4.32 14.86
CA ALA B 193 -21.25 -3.23 14.22
C ALA B 193 -20.50 -3.71 12.97
N LEU B 194 -20.25 -2.75 12.06
CA LEU B 194 -19.41 -3.02 10.89
C LEU B 194 -17.97 -3.24 11.31
N ALA B 195 -17.53 -2.50 12.33
CA ALA B 195 -16.14 -2.50 12.77
C ALA B 195 -16.11 -1.77 14.10
N GLY B 196 -15.02 -1.95 14.84
CA GLY B 196 -14.90 -1.23 16.10
C GLY B 196 -13.50 -1.29 16.66
N VAL B 197 -13.26 -0.39 17.62
CA VAL B 197 -12.00 -0.28 18.35
C VAL B 197 -12.33 -0.07 19.82
N ASN B 198 -11.31 -0.17 20.66
CA ASN B 198 -11.50 0.16 22.06
C ASN B 198 -11.57 1.68 22.21
N GLY B 199 -12.07 2.11 23.36
CA GLY B 199 -12.27 3.53 23.62
C GLY B 199 -11.26 4.17 24.55
N GLY B 200 -11.76 4.93 25.53
CA GLY B 200 -10.91 5.70 26.42
C GLY B 200 -10.54 4.95 27.70
N PHE B 201 -9.99 5.69 28.66
CA PHE B 201 -9.48 5.05 29.87
C PHE B 201 -10.64 4.58 30.76
N PHE B 202 -10.34 3.58 31.59
CA PHE B 202 -11.34 2.98 32.48
C PHE B 202 -10.62 2.49 33.73
N THR B 203 -11.41 2.16 34.76
CA THR B 203 -10.80 1.67 35.99
C THR B 203 -10.31 0.24 35.76
N ASN B 204 -9.00 0.02 35.96
CA ASN B 204 -8.44 -1.30 35.70
C ASN B 204 -7.56 -1.78 36.85
N ILE B 205 -7.70 -1.17 38.03
CA ILE B 205 -6.97 -1.63 39.20
C ILE B 205 -7.78 -2.73 39.90
N ASN B 206 -7.06 -3.67 40.53
CA ASN B 206 -7.68 -4.83 41.17
C ASN B 206 -7.13 -5.02 42.58
N PRO B 207 -7.32 -4.03 43.47
CA PRO B 207 -6.69 -4.13 44.80
C PRO B 207 -7.31 -5.18 45.70
N PHE B 208 -8.51 -5.67 45.39
CA PHE B 208 -9.13 -6.69 46.22
C PHE B 208 -8.87 -8.09 45.69
N GLY B 209 -8.11 -8.22 44.60
CA GLY B 209 -7.74 -9.54 44.08
C GLY B 209 -8.90 -10.35 43.55
N ALA B 210 -9.86 -9.70 42.91
CA ALA B 210 -10.99 -10.37 42.28
C ALA B 210 -10.53 -11.05 41.00
N PRO B 211 -11.37 -11.90 40.40
CA PRO B 211 -10.97 -12.54 39.15
C PRO B 211 -10.59 -11.53 38.07
N LEU B 212 -11.29 -10.41 38.00
CA LEU B 212 -10.99 -9.31 37.09
C LEU B 212 -11.13 -8.01 37.85
N PRO B 213 -10.47 -6.95 37.41
CA PRO B 213 -10.74 -5.64 38.00
C PRO B 213 -12.19 -5.26 37.81
N PRO B 214 -12.75 -4.43 38.69
CA PRO B 214 -14.07 -3.83 38.42
C PRO B 214 -13.88 -2.65 37.49
N ARG B 215 -14.59 -2.65 36.35
CA ARG B 215 -14.25 -1.79 35.22
C ARG B 215 -15.39 -0.85 34.85
N SER B 216 -15.12 0.46 34.89
CA SER B 216 -16.04 1.49 34.43
C SER B 216 -15.24 2.54 33.68
N PRO B 217 -15.83 3.17 32.66
CA PRO B 217 -15.15 4.30 32.01
C PRO B 217 -14.84 5.39 33.02
N VAL B 218 -13.70 6.05 32.82
CA VAL B 218 -13.37 7.24 33.59
C VAL B 218 -13.07 8.36 32.60
N GLY B 219 -13.03 9.58 33.13
CA GLY B 219 -13.03 10.75 32.29
C GLY B 219 -14.42 11.08 31.80
N ALA B 220 -14.57 12.28 31.26
CA ALA B 220 -15.89 12.76 30.83
C ALA B 220 -16.42 11.83 29.75
N THR B 221 -17.55 11.18 30.04
CA THR B 221 -18.08 10.11 29.20
C THR B 221 -19.55 10.39 29.00
N VAL B 222 -19.98 10.52 27.75
CA VAL B 222 -21.36 10.86 27.45
C VAL B 222 -21.85 9.93 26.35
N VAL B 223 -23.00 9.30 26.58
CA VAL B 223 -23.61 8.42 25.58
C VAL B 223 -24.99 9.00 25.27
N ASP B 224 -25.14 9.55 24.05
CA ASP B 224 -26.42 10.09 23.57
C ASP B 224 -27.00 11.09 24.57
N GLY B 225 -26.15 11.99 25.06
CA GLY B 225 -26.57 13.03 25.97
C GLY B 225 -26.49 12.67 27.44
N ARG B 226 -26.35 11.40 27.76
CA ARG B 226 -26.33 10.95 29.16
C ARG B 226 -24.91 10.95 29.70
N LEU B 227 -24.69 11.70 30.78
CA LEU B 227 -23.39 11.70 31.43
C LEU B 227 -23.20 10.41 32.21
N VAL B 228 -22.09 9.72 31.93
CA VAL B 228 -21.82 8.40 32.47
C VAL B 228 -20.70 8.43 33.50
N ALA B 229 -19.77 9.38 33.41
CA ALA B 229 -18.66 9.52 34.34
C ALA B 229 -18.13 10.93 34.21
N ALA B 230 -17.50 11.43 35.29
CA ALA B 230 -17.01 12.81 35.31
C ALA B 230 -15.63 12.94 34.67
N ALA B 231 -15.28 14.19 34.35
CA ALA B 231 -13.94 14.48 33.84
C ALA B 231 -12.88 14.09 34.86
N ILE B 232 -11.74 13.63 34.38
CA ILE B 232 -10.61 13.45 35.29
CA ILE B 232 -10.61 13.45 35.29
C ILE B 232 -9.97 14.79 35.61
N GLY B 233 -9.87 15.67 34.63
CA GLY B 233 -9.30 16.99 34.80
C GLY B 233 -8.21 17.27 33.78
N ARG B 234 -8.37 18.37 33.03
CA ARG B 234 -7.40 18.89 32.06
C ARG B 234 -7.22 17.99 30.84
N ARG B 235 -8.11 17.03 30.62
CA ARG B 235 -7.84 16.00 29.62
C ARG B 235 -8.63 16.21 28.34
N PRO B 236 -8.12 15.68 27.23
CA PRO B 236 -8.81 15.85 25.95
C PRO B 236 -9.74 14.69 25.64
N GLY B 237 -10.46 14.77 24.52
CA GLY B 237 -11.36 13.69 24.22
C GLY B 237 -11.84 13.77 22.79
N LEU B 238 -12.72 12.83 22.45
CA LEU B 238 -13.31 12.76 21.12
C LEU B 238 -14.81 13.00 21.27
N LEU B 239 -15.29 14.07 20.66
CA LEU B 239 -16.69 14.47 20.69
C LEU B 239 -17.34 14.01 19.39
N LEU B 240 -18.50 13.35 19.49
CA LEU B 240 -19.28 12.93 18.34
C LEU B 240 -20.62 13.62 18.39
N ALA B 241 -20.96 14.35 17.34
CA ALA B 241 -22.23 15.06 17.31
C ALA B 241 -22.65 15.18 15.85
N ARG B 242 -23.75 15.88 15.61
CA ARG B 242 -24.29 16.00 14.27
C ARG B 242 -24.06 17.41 13.75
N ASP B 243 -23.72 17.54 12.48
CA ASP B 243 -23.56 18.86 11.90
C ASP B 243 -24.91 19.33 11.38
N ALA B 244 -24.93 20.51 10.76
CA ALA B 244 -26.21 21.12 10.37
C ALA B 244 -26.94 20.31 9.30
N ASN B 245 -26.24 19.44 8.59
CA ASN B 245 -26.85 18.60 7.56
C ASN B 245 -27.22 17.21 8.10
N GLY B 246 -27.15 17.01 9.41
CA GLY B 246 -27.47 15.72 9.99
C GLY B 246 -26.39 14.68 9.86
N ARG B 247 -25.21 15.06 9.34
CA ARG B 247 -24.09 14.13 9.26
C ARG B 247 -23.32 14.14 10.58
N GLN B 248 -22.76 12.99 10.92
CA GLN B 248 -21.95 12.97 12.12
CA GLN B 248 -21.92 12.95 12.11
C GLN B 248 -20.71 13.84 11.94
N ARG B 249 -20.27 14.44 13.04
CA ARG B 249 -19.07 15.26 13.01
C ARG B 249 -18.27 14.88 14.25
N ALA B 250 -17.01 14.51 14.05
CA ALA B 250 -16.11 14.26 15.17
C ALA B 250 -15.23 15.48 15.40
N THR B 251 -14.95 15.76 16.68
CA THR B 251 -14.10 16.87 17.06
C THR B 251 -13.17 16.40 18.17
N VAL B 252 -11.87 16.65 18.01
CA VAL B 252 -10.94 16.47 19.11
C VAL B 252 -11.05 17.70 20.01
N VAL B 253 -11.46 17.48 21.25
CA VAL B 253 -11.68 18.57 22.18
C VAL B 253 -10.62 18.50 23.27
N ARG B 254 -10.42 19.62 23.95
CA ARG B 254 -9.36 19.72 24.93
C ARG B 254 -9.89 20.25 26.26
N ASN B 255 -9.19 19.88 27.33
CA ASN B 255 -9.42 20.46 28.66
C ASN B 255 -10.89 20.30 29.10
N LEU B 256 -11.33 19.04 29.11
CA LEU B 256 -12.70 18.73 29.51
C LEU B 256 -12.89 18.93 31.01
N ALA B 257 -14.06 19.45 31.36
CA ALA B 257 -14.42 19.63 32.77
C ALA B 257 -15.89 19.31 32.96
N THR B 258 -16.22 18.82 34.14
CA THR B 258 -17.62 18.55 34.49
C THR B 258 -17.86 19.07 35.89
N ALA B 259 -19.10 19.49 36.14
CA ALA B 259 -19.53 19.77 37.50
C ALA B 259 -20.84 19.04 37.71
N ILE B 260 -20.89 18.22 38.76
CA ILE B 260 -22.08 17.47 39.12
C ILE B 260 -22.41 17.92 40.54
N THR B 261 -23.54 18.61 40.70
CA THR B 261 -23.83 19.28 41.96
C THR B 261 -25.12 18.73 42.54
N LEU B 262 -25.06 18.32 43.80
CA LEU B 262 -26.21 17.81 44.54
C LEU B 262 -26.73 18.93 45.44
N THR B 263 -28.03 19.24 45.36
CA THR B 263 -28.60 20.34 46.14
CA THR B 263 -28.61 20.35 46.11
C THR B 263 -29.88 19.90 46.83
N ASP B 264 -30.08 20.41 48.05
CA ASP B 264 -31.32 20.15 48.78
C ASP B 264 -32.29 21.32 48.60
N ALA B 265 -33.45 21.20 49.23
CA ALA B 265 -34.52 22.18 49.06
C ALA B 265 -34.19 23.51 49.70
N GLN B 266 -33.24 23.54 50.63
CA GLN B 266 -32.75 24.78 51.23
C GLN B 266 -31.64 25.43 50.42
N GLY B 267 -31.20 24.81 49.33
CA GLY B 267 -30.16 25.38 48.50
C GLY B 267 -28.76 24.99 48.90
N ARG B 268 -28.60 24.18 49.95
CA ARG B 268 -27.28 23.67 50.32
C ARG B 268 -26.80 22.69 49.27
N ALA B 269 -25.52 22.78 48.93
CA ALA B 269 -24.99 22.06 47.78
C ALA B 269 -23.71 21.32 48.14
N ILE B 270 -23.47 20.22 47.44
CA ILE B 270 -22.23 19.47 47.61
C ILE B 270 -21.82 18.86 46.27
N ALA B 271 -20.52 18.78 46.04
CA ALA B 271 -20.03 18.32 44.75
C ALA B 271 -19.96 16.79 44.69
N VAL B 272 -20.69 16.22 43.73
CA VAL B 272 -20.56 14.80 43.41
C VAL B 272 -19.28 14.63 42.60
N GLN B 273 -18.44 13.65 43.00
CA GLN B 273 -17.12 13.55 42.37
C GLN B 273 -17.20 12.86 41.00
N THR B 274 -17.97 11.78 40.89
CA THR B 274 -18.16 11.12 39.60
C THR B 274 -19.39 10.24 39.67
N LEU B 275 -19.66 9.51 38.59
CA LEU B 275 -20.73 8.53 38.54
CA LEU B 275 -20.73 8.54 38.52
C LEU B 275 -20.16 7.16 38.22
N ASN B 276 -20.79 6.14 38.79
CA ASN B 276 -20.66 4.75 38.33
C ASN B 276 -19.24 4.20 38.39
N ARG B 277 -18.44 4.66 39.37
CA ARG B 277 -17.05 4.20 39.51
C ARG B 277 -16.96 3.21 40.65
N PRO B 278 -16.40 2.01 40.44
CA PRO B 278 -16.20 1.09 41.56
C PRO B 278 -15.07 1.57 42.46
N ILE B 279 -15.21 1.25 43.74
CA ILE B 279 -14.25 1.50 44.83
C ILE B 279 -14.32 2.96 45.27
N LEU B 280 -15.17 3.22 46.25
CA LEU B 280 -15.35 4.56 46.80
C LEU B 280 -14.10 4.95 47.56
N GLY B 281 -13.61 6.17 47.33
CA GLY B 281 -12.40 6.64 47.98
C GLY B 281 -11.11 6.46 47.20
N THR B 282 -11.14 5.65 46.13
CA THR B 282 -9.94 5.36 45.35
C THR B 282 -10.07 6.00 43.99
N VAL B 283 -9.07 6.77 43.56
CA VAL B 283 -9.15 7.53 42.31
C VAL B 283 -7.91 7.23 41.49
N VAL B 284 -7.97 6.17 40.67
CA VAL B 284 -6.88 5.94 39.73
C VAL B 284 -6.93 7.03 38.66
N ASN B 285 -5.75 7.54 38.32
CA ASN B 285 -5.47 8.65 37.41
C ASN B 285 -5.61 9.99 38.09
N CYS B 286 -5.94 10.03 39.39
CA CYS B 286 -5.90 11.26 40.22
C CYS B 286 -6.82 12.31 39.61
N GLY B 287 -6.39 13.56 39.47
CA GLY B 287 -7.25 14.60 38.93
C GLY B 287 -8.17 15.23 39.98
N ALA B 288 -9.16 15.98 39.49
CA ALA B 288 -10.01 16.81 40.33
C ALA B 288 -10.83 15.98 41.33
N GLN B 289 -11.06 14.70 41.04
CA GLN B 289 -11.75 13.82 41.97
C GLN B 289 -10.89 13.39 43.15
N ALA B 290 -9.58 13.60 43.05
CA ALA B 290 -8.64 13.10 44.04
C ALA B 290 -8.22 14.22 45.00
N ARG B 291 -7.75 13.82 46.18
CA ARG B 291 -7.29 14.78 47.15
C ARG B 291 -5.84 14.60 47.56
N THR B 292 -5.31 13.40 47.45
CA THR B 292 -3.92 13.20 47.82
C THR B 292 -3.39 11.99 47.07
N PRO B 293 -2.12 12.00 46.63
CA PRO B 293 -1.18 13.10 46.81
C PRO B 293 -1.33 14.28 45.85
N THR B 294 -2.23 14.22 44.87
CA THR B 294 -2.37 15.34 43.96
C THR B 294 -3.80 15.40 43.47
N SER B 295 -4.25 16.60 43.11
CA SER B 295 -5.50 16.78 42.38
CA SER B 295 -5.50 16.77 42.38
C SER B 295 -5.25 17.10 40.91
N GLU B 296 -4.00 17.05 40.47
CA GLU B 296 -3.70 17.08 39.04
C GLU B 296 -3.91 15.69 38.46
N PRO B 297 -4.26 15.58 37.18
CA PRO B 297 -4.30 14.26 36.56
C PRO B 297 -2.91 13.61 36.57
N ALA B 298 -2.89 12.29 36.71
CA ALA B 298 -1.62 11.57 36.72
C ALA B 298 -1.93 10.12 36.34
N GLN B 299 -1.74 9.80 35.05
CA GLN B 299 -2.22 8.53 34.52
C GLN B 299 -1.61 7.35 35.27
N ASP B 300 -2.49 6.43 35.70
CA ASP B 300 -2.14 5.16 36.36
C ASP B 300 -1.72 5.36 37.82
N THR B 301 -1.52 6.60 38.26
CA THR B 301 -1.22 6.84 39.67
C THR B 301 -2.50 6.65 40.49
N VAL B 302 -2.39 6.04 41.67
CA VAL B 302 -3.57 5.79 42.48
C VAL B 302 -3.62 6.81 43.62
N CYS B 303 -4.60 7.71 43.53
CA CYS B 303 -4.87 8.70 44.56
C CYS B 303 -6.09 8.29 45.37
N THR B 304 -6.36 9.05 46.43
CA THR B 304 -7.52 8.80 47.27
C THR B 304 -8.29 10.09 47.49
N ASN B 305 -9.57 9.92 47.85
CA ASN B 305 -10.44 11.02 48.29
C ASN B 305 -11.27 10.44 49.43
N TYR B 306 -10.92 10.77 50.68
CA TYR B 306 -11.62 10.22 51.83
C TYR B 306 -12.80 11.09 52.24
N ASP B 307 -13.21 12.02 51.37
CA ASP B 307 -14.49 12.70 51.44
C ASP B 307 -15.31 12.41 50.18
N ASP B 308 -15.13 11.22 49.63
CA ASP B 308 -15.66 10.92 48.30
C ASP B 308 -17.18 10.96 48.29
N LEU B 309 -17.73 11.19 47.11
CA LEU B 309 -19.18 11.21 46.89
C LEU B 309 -19.39 10.75 45.45
N VAL B 310 -20.00 9.58 45.28
CA VAL B 310 -20.21 9.02 43.95
C VAL B 310 -21.68 8.65 43.79
N MET B 311 -22.20 8.84 42.58
CA MET B 311 -23.58 8.56 42.23
CA MET B 311 -23.59 8.54 42.25
C MET B 311 -23.62 7.32 41.35
N TYR B 312 -24.55 6.40 41.63
CA TYR B 312 -24.70 5.16 40.88
C TYR B 312 -26.13 5.06 40.33
N ASP B 313 -26.26 4.63 39.09
CA ASP B 313 -27.57 4.60 38.47
C ASP B 313 -27.74 3.30 37.69
N SER B 314 -28.69 3.29 36.74
CA SER B 314 -29.09 2.09 36.04
C SER B 314 -28.00 1.52 35.15
N LEU B 315 -26.94 2.26 34.89
CA LEU B 315 -25.83 1.76 34.06
C LEU B 315 -24.80 0.99 34.85
N TYR B 316 -24.91 0.98 36.18
CA TYR B 316 -23.96 0.29 37.04
C TYR B 316 -24.54 -1.08 37.41
N LEU B 317 -23.84 -2.15 37.02
CA LEU B 317 -24.25 -3.52 37.33
C LEU B 317 -25.72 -3.75 36.99
N ARG B 318 -26.14 -3.18 35.87
CA ARG B 318 -27.48 -3.34 35.31
C ARG B 318 -28.56 -2.83 36.25
N GLY B 319 -28.18 -1.95 37.18
CA GLY B 319 -29.11 -1.45 38.18
C GLY B 319 -29.45 -2.46 39.25
N GLY B 320 -28.77 -3.61 39.28
CA GLY B 320 -29.07 -4.61 40.28
C GLY B 320 -28.45 -4.34 41.62
N ALA B 321 -27.45 -3.47 41.65
CA ALA B 321 -26.70 -3.12 42.85
C ALA B 321 -25.91 -1.86 42.56
N SER B 322 -25.53 -1.16 43.61
CA SER B 322 -24.55 -0.10 43.49
C SER B 322 -23.20 -0.61 43.99
N ASN B 323 -22.23 0.30 44.09
CA ASN B 323 -20.90 -0.09 44.53
C ASN B 323 -20.91 -0.67 45.94
N THR B 324 -20.00 -1.63 46.18
CA THR B 324 -19.85 -2.22 47.51
C THR B 324 -18.44 -2.13 48.08
N LEU B 325 -17.48 -1.53 47.36
CA LEU B 325 -16.08 -1.53 47.75
C LEU B 325 -15.64 -0.15 48.24
N VAL B 326 -14.73 -0.14 49.22
CA VAL B 326 -14.18 1.10 49.77
C VAL B 326 -12.67 0.95 49.86
N ASP B 327 -11.95 2.02 49.53
CA ASP B 327 -10.50 2.05 49.73
C ASP B 327 -10.13 1.49 51.08
N ALA B 328 -9.22 0.49 51.09
CA ALA B 328 -8.91 -0.21 52.33
C ALA B 328 -8.19 0.69 53.34
N GLY B 329 -7.65 1.83 52.92
CA GLY B 329 -7.00 2.72 53.86
C GLY B 329 -7.93 3.65 54.60
N TYR B 330 -9.20 3.68 54.20
CA TYR B 330 -10.16 4.59 54.82
C TYR B 330 -10.72 4.00 56.11
N GLN B 331 -10.74 4.80 57.18
CA GLN B 331 -11.13 4.29 58.49
C GLN B 331 -12.35 4.96 59.11
N GLY B 332 -13.09 5.77 58.36
CA GLY B 332 -14.23 6.50 58.91
C GLY B 332 -15.57 5.91 58.53
N ALA B 333 -16.59 6.77 58.58
CA ALA B 333 -17.96 6.35 58.35
C ALA B 333 -18.29 6.31 56.86
N ARG B 334 -19.24 5.45 56.51
CA ARG B 334 -19.80 5.36 55.16
CA ARG B 334 -19.80 5.38 55.17
C ARG B 334 -21.30 5.64 55.23
N TYR B 335 -21.86 6.13 54.12
CA TYR B 335 -23.31 6.33 54.12
C TYR B 335 -23.82 6.36 52.70
N GLU B 336 -25.07 5.95 52.53
CA GLU B 336 -25.68 5.82 51.22
C GLU B 336 -27.11 6.34 51.28
N LEU B 337 -27.53 7.09 50.25
CA LEU B 337 -28.93 7.49 50.06
C LEU B 337 -29.45 6.88 48.78
N VAL B 338 -30.69 6.38 48.82
CA VAL B 338 -31.40 5.88 47.66
C VAL B 338 -32.43 6.94 47.29
N VAL B 339 -32.41 7.42 46.04
CA VAL B 339 -33.23 8.55 45.62
C VAL B 339 -34.11 8.12 44.45
N ASP B 340 -35.41 8.46 44.50
CA ASP B 340 -36.31 7.99 43.46
C ASP B 340 -36.35 8.97 42.28
N ALA B 341 -37.15 8.62 41.27
CA ALA B 341 -37.20 9.40 40.04
C ALA B 341 -37.78 10.79 40.25
N ASN B 342 -38.49 11.02 41.35
CA ASN B 342 -39.03 12.34 41.64
C ASN B 342 -38.06 13.20 42.44
N GLY B 343 -36.85 12.71 42.67
CA GLY B 343 -35.91 13.44 43.50
C GLY B 343 -36.24 13.42 44.97
N ALA B 344 -36.87 12.36 45.46
CA ALA B 344 -37.14 12.20 46.88
C ALA B 344 -36.33 11.04 47.44
N VAL B 345 -35.74 11.25 48.62
CA VAL B 345 -35.03 10.18 49.30
C VAL B 345 -35.99 9.05 49.64
N VAL B 346 -35.63 7.84 49.26
CA VAL B 346 -36.37 6.64 49.64
C VAL B 346 -35.85 6.07 50.96
N ALA B 347 -34.53 6.01 51.11
CA ALA B 347 -33.92 5.40 52.29
C ALA B 347 -32.49 5.88 52.41
N GLY B 348 -32.00 5.86 53.64
CA GLY B 348 -30.59 6.09 53.92
C GLY B 348 -30.09 5.08 54.93
N HIS B 349 -28.81 4.73 54.82
CA HIS B 349 -28.24 3.73 55.72
C HIS B 349 -26.72 3.76 55.58
N ALA B 350 -26.05 3.13 56.54
CA ALA B 350 -24.59 3.18 56.66
C ALA B 350 -23.88 2.11 55.85
N THR B 351 -24.60 1.23 55.17
CA THR B 351 -24.00 0.21 54.34
C THR B 351 -24.09 0.64 52.88
N LEU B 352 -23.17 0.12 52.06
CA LEU B 352 -23.10 0.47 50.65
C LEU B 352 -23.56 -0.69 49.78
N GLY B 353 -24.35 -0.37 48.76
CA GLY B 353 -24.63 -1.36 47.72
C GLY B 353 -26.07 -1.48 47.27
N ALA B 354 -27.00 -0.74 47.89
CA ALA B 354 -28.40 -0.88 47.53
C ALA B 354 -28.62 -0.47 46.08
N PRO B 355 -29.55 -1.11 45.38
CA PRO B 355 -29.78 -0.78 43.97
C PRO B 355 -30.58 0.49 43.82
N PRO B 356 -30.46 1.19 42.68
CA PRO B 356 -31.24 2.40 42.45
C PRO B 356 -32.68 2.07 42.11
N PRO B 357 -33.62 2.94 42.49
CA PRO B 357 -35.00 2.81 42.02
C PRO B 357 -35.08 3.00 40.52
N PRO B 358 -36.18 2.60 39.89
CA PRO B 358 -36.39 2.91 38.46
C PRO B 358 -36.23 4.40 38.18
N ASN B 359 -35.35 4.72 37.23
CA ASN B 359 -35.04 6.10 36.86
C ASN B 359 -34.55 6.91 38.05
N GLY B 360 -34.08 6.24 39.11
CA GLY B 360 -33.50 6.89 40.26
C GLY B 360 -32.00 6.70 40.33
N TYR B 361 -31.44 6.93 41.52
CA TYR B 361 -30.00 6.77 41.68
C TYR B 361 -29.67 6.55 43.15
N VAL B 362 -28.41 6.21 43.39
CA VAL B 362 -27.87 5.96 44.73
C VAL B 362 -26.67 6.87 44.93
N LEU B 363 -26.60 7.53 46.08
CA LEU B 363 -25.45 8.34 46.45
C LEU B 363 -24.66 7.63 47.55
N GLN B 364 -23.35 7.54 47.39
CA GLN B 364 -22.48 6.95 48.39
C GLN B 364 -21.40 7.94 48.80
N GLY B 365 -21.16 8.07 50.11
CA GLY B 365 -20.22 9.05 50.60
C GLY B 365 -19.32 8.55 51.72
N LEU B 366 -18.13 9.14 51.76
CA LEU B 366 -17.18 9.01 52.87
C LEU B 366 -16.97 10.36 53.53
N GLY B 367 -16.46 10.34 54.76
CA GLY B 367 -16.01 11.58 55.36
C GLY B 367 -17.12 12.61 55.47
N ALA B 368 -16.81 13.85 55.05
CA ALA B 368 -17.79 14.93 55.12
C ALA B 368 -18.99 14.63 54.24
N SER B 369 -18.79 13.90 53.16
CA SER B 369 -19.91 13.58 52.28
C SER B 369 -20.88 12.59 52.94
N ALA B 370 -20.33 11.62 53.67
CA ALA B 370 -21.17 10.71 54.45
C ALA B 370 -22.03 11.49 55.43
N ALA B 371 -21.41 12.44 56.14
CA ALA B 371 -22.14 13.27 57.09
C ALA B 371 -23.26 14.05 56.40
N TRP B 372 -22.98 14.62 55.23
CA TRP B 372 -23.98 15.38 54.48
C TRP B 372 -25.14 14.48 54.08
N LEU B 373 -24.84 13.29 53.56
CA LEU B 373 -25.89 12.35 53.18
C LEU B 373 -26.74 11.94 54.39
N GLN B 374 -26.10 11.64 55.51
CA GLN B 374 -26.85 11.22 56.69
C GLN B 374 -27.78 12.34 57.17
N ALA B 375 -27.38 13.59 56.97
CA ALA B 375 -28.22 14.71 57.36
C ALA B 375 -29.45 14.86 56.47
N HIS B 376 -29.50 14.14 55.34
CA HIS B 376 -30.62 14.20 54.41
C HIS B 376 -31.33 12.85 54.29
N ALA B 377 -31.19 11.98 55.29
CA ALA B 377 -31.66 10.61 55.16
C ALA B 377 -33.15 10.42 55.43
N THR B 378 -33.86 11.43 55.94
CA THR B 378 -35.28 11.25 56.20
C THR B 378 -36.01 10.97 54.90
N PRO B 379 -36.78 9.88 54.80
CA PRO B 379 -37.52 9.60 53.56
C PRO B 379 -38.40 10.77 53.18
N GLY B 380 -38.41 11.09 51.90
CA GLY B 380 -39.13 12.22 51.37
C GLY B 380 -38.29 13.47 51.17
N THR B 381 -37.10 13.54 51.77
CA THR B 381 -36.21 14.67 51.59
C THR B 381 -35.94 14.90 50.10
N ARG B 382 -36.01 16.16 49.68
CA ARG B 382 -35.88 16.48 48.25
C ARG B 382 -34.44 16.78 47.90
N LEU B 383 -33.97 16.20 46.79
CA LEU B 383 -32.63 16.42 46.29
C LEU B 383 -32.69 16.61 44.78
N ALA B 384 -31.74 17.39 44.25
CA ALA B 384 -31.64 17.61 42.82
C ALA B 384 -30.19 17.52 42.42
N VAL B 385 -29.93 16.98 41.23
CA VAL B 385 -28.59 16.89 40.69
C VAL B 385 -28.53 17.70 39.40
N SER B 386 -27.55 18.59 39.31
CA SER B 386 -27.30 19.35 38.09
C SER B 386 -25.99 18.89 37.50
N ARG B 387 -25.94 18.86 36.16
CA ARG B 387 -24.75 18.40 35.44
C ARG B 387 -24.33 19.46 34.42
N ARG B 388 -23.05 19.79 34.42
CA ARG B 388 -22.50 20.72 33.45
C ARG B 388 -21.23 20.13 32.86
N LEU B 389 -21.05 20.34 31.56
CA LEU B 389 -19.90 19.83 30.82
C LEU B 389 -19.32 20.96 29.99
N SER B 390 -17.99 21.06 29.95
CA SER B 390 -17.36 22.05 29.08
C SER B 390 -16.07 21.50 28.51
N ALA B 391 -15.66 22.07 27.38
CA ALA B 391 -14.37 21.78 26.79
C ALA B 391 -13.63 23.10 26.63
N ASP B 392 -12.51 23.23 27.32
CA ASP B 392 -11.68 24.43 27.31
C ASP B 392 -12.49 25.68 27.61
N GLY B 393 -13.41 25.55 28.57
CA GLY B 393 -14.22 26.67 29.01
C GLY B 393 -15.49 26.90 28.21
N ALA B 394 -15.66 26.20 27.09
CA ALA B 394 -16.89 26.32 26.29
C ALA B 394 -17.89 25.24 26.71
N ASP B 395 -19.10 25.68 27.07
CA ASP B 395 -20.11 24.73 27.51
C ASP B 395 -20.52 23.80 26.38
N LEU B 396 -20.75 22.53 26.72
CA LEU B 396 -21.23 21.54 25.78
C LEU B 396 -22.55 20.98 26.31
N ALA B 397 -23.55 20.89 25.46
CA ALA B 397 -24.84 20.43 25.94
C ALA B 397 -24.82 18.92 26.15
N LEU B 398 -25.36 18.50 27.29
CA LEU B 398 -25.59 17.08 27.56
C LEU B 398 -26.92 16.71 26.92
N ALA B 399 -26.86 16.62 25.60
CA ALA B 399 -28.02 16.62 24.73
C ALA B 399 -28.05 15.35 23.92
N SER B 400 -29.26 14.87 23.61
CA SER B 400 -29.39 13.74 22.71
C SER B 400 -28.61 14.00 21.43
N GLY B 401 -28.01 12.93 20.90
CA GLY B 401 -27.21 13.03 19.71
C GLY B 401 -25.74 13.33 19.94
N THR B 402 -25.35 13.70 21.16
CA THR B 402 -23.96 13.98 21.50
C THR B 402 -23.38 12.81 22.30
N SER B 403 -22.21 12.34 21.90
CA SER B 403 -21.47 11.40 22.71
C SER B 403 -20.03 11.89 22.86
N LEU B 404 -19.35 11.41 23.89
CA LEU B 404 -18.04 11.94 24.22
C LEU B 404 -17.25 10.88 24.96
N VAL B 405 -15.96 10.72 24.61
CA VAL B 405 -15.07 9.86 25.37
C VAL B 405 -13.79 10.64 25.64
N GLU B 406 -13.27 10.51 26.86
CA GLU B 406 -12.08 11.24 27.30
C GLU B 406 -10.89 10.28 27.29
N ALA B 407 -9.73 10.79 26.90
CA ALA B 407 -8.50 9.99 27.04
C ALA B 407 -7.29 10.91 27.04
N GLY B 408 -6.38 10.73 26.08
CA GLY B 408 -5.20 11.56 26.01
C GLY B 408 -3.89 10.79 25.98
N PRO B 409 -2.79 11.48 25.70
CA PRO B 409 -2.73 12.92 25.47
C PRO B 409 -3.18 13.37 24.07
N THR B 410 -3.36 14.66 23.92
CA THR B 410 -3.55 15.24 22.58
C THR B 410 -2.27 15.05 21.80
N LEU B 411 -2.37 14.54 20.58
CA LEU B 411 -1.16 14.24 19.81
C LEU B 411 -0.79 15.34 18.83
N SER B 412 -1.79 16.08 18.35
CA SER B 412 -1.60 17.08 17.30
C SER B 412 -1.18 18.43 17.89
N VAL B 413 -0.03 18.43 18.57
CA VAL B 413 0.49 19.65 19.21
C VAL B 413 1.97 19.75 18.92
N PRO B 414 2.49 20.99 18.91
CA PRO B 414 3.92 21.18 18.59
C PRO B 414 4.88 20.89 19.73
N ASN B 415 4.39 20.84 20.96
CA ASN B 415 5.22 20.68 22.17
C ASN B 415 4.71 19.45 22.92
N LEU B 416 4.88 18.27 22.32
CA LEU B 416 4.13 17.10 22.77
C LEU B 416 4.42 16.76 24.24
N ALA B 417 5.69 16.71 24.64
CA ALA B 417 5.97 16.28 26.01
C ALA B 417 5.44 17.29 27.02
N GLN B 418 5.65 18.58 26.79
CA GLN B 418 5.13 19.58 27.71
CA GLN B 418 5.13 19.57 27.73
C GLN B 418 3.61 19.55 27.76
N SER B 419 2.97 19.45 26.59
CA SER B 419 1.51 19.42 26.53
C SER B 419 0.96 18.17 27.20
N ALA B 420 1.57 17.02 26.92
CA ALA B 420 1.09 15.78 27.52
C ALA B 420 1.27 15.82 29.04
N ALA B 421 2.37 16.42 29.50
CA ALA B 421 2.58 16.53 30.95
C ALA B 421 1.48 17.36 31.60
N GLN B 422 1.11 18.48 30.98
CA GLN B 422 0.01 19.29 31.50
C GLN B 422 -1.30 18.52 31.56
N GLU B 423 -1.52 17.59 30.64
CA GLU B 423 -2.72 16.77 30.60
C GLU B 423 -2.63 15.56 31.54
N GLY B 424 -1.53 15.40 32.28
CA GLY B 424 -1.45 14.33 33.23
C GLY B 424 -0.74 13.09 32.74
N PHE B 425 0.24 13.22 31.84
CA PHE B 425 1.07 12.11 31.39
C PHE B 425 2.50 12.63 31.50
N ALA B 426 3.07 12.54 32.70
CA ALA B 426 4.21 13.37 33.03
C ALA B 426 5.33 12.58 33.72
N PRO B 427 6.56 13.05 33.62
CA PRO B 427 7.68 12.38 34.32
C PRO B 427 7.71 12.59 35.82
N THR B 428 6.84 13.45 36.36
CA THR B 428 6.68 13.66 37.79
C THR B 428 5.19 13.67 38.09
N VAL B 429 4.81 13.11 39.24
CA VAL B 429 3.39 13.00 39.55
C VAL B 429 2.87 14.40 39.87
N GLY B 430 1.86 14.83 39.12
CA GLY B 430 1.34 16.16 39.28
C GLY B 430 2.03 17.19 38.43
N GLY B 431 3.08 16.80 37.72
CA GLY B 431 3.65 17.63 36.68
C GLY B 431 4.52 18.77 37.20
N VAL B 432 4.64 19.79 36.35
CA VAL B 432 5.72 20.78 36.48
C VAL B 432 5.59 21.58 37.77
N ASP B 433 4.36 21.90 38.18
CA ASP B 433 4.12 22.77 39.32
C ASP B 433 3.83 22.00 40.62
N ALA B 434 4.13 20.71 40.65
CA ALA B 434 3.81 19.91 41.81
C ALA B 434 4.71 20.28 42.99
N GLY B 435 4.30 19.83 44.18
CA GLY B 435 5.04 20.16 45.39
C GLY B 435 6.42 19.53 45.41
N GLU B 436 7.19 19.89 46.44
CA GLU B 436 8.50 19.26 46.61
C GLU B 436 8.36 17.81 47.07
N GLY B 437 7.27 17.48 47.75
CA GLY B 437 6.98 16.09 48.08
C GLY B 437 6.56 15.25 46.89
N ALA B 438 6.35 15.89 45.74
CA ALA B 438 5.84 15.17 44.57
C ALA B 438 6.78 14.05 44.15
N ALA B 439 6.19 12.92 43.76
CA ALA B 439 6.97 11.75 43.45
C ALA B 439 7.55 11.83 42.05
N ALA B 440 8.83 11.48 41.95
CA ALA B 440 9.38 11.15 40.64
C ALA B 440 8.55 10.06 40.00
N ASN B 441 8.42 10.15 38.69
CA ASN B 441 7.52 9.26 37.95
C ASN B 441 8.22 8.69 36.74
N GLY B 442 9.54 8.62 36.77
CA GLY B 442 10.29 8.18 35.59
C GLY B 442 10.05 6.73 35.21
N ASN B 443 9.81 5.86 36.19
CA ASN B 443 9.54 4.46 35.85
C ASN B 443 8.27 4.34 35.02
N TRP B 444 7.17 4.89 35.53
CA TRP B 444 5.92 4.87 34.77
C TRP B 444 6.08 5.58 33.42
N TYR B 445 6.68 6.77 33.43
CA TYR B 445 6.74 7.55 32.19
C TYR B 445 7.60 6.86 31.14
N ASN B 446 8.72 6.27 31.56
CA ASN B 446 9.51 5.49 30.61
C ASN B 446 8.68 4.38 30.00
N GLY B 447 7.90 3.66 30.82
CA GLY B 447 7.17 2.52 30.30
C GLY B 447 5.95 2.86 29.46
N TRP B 448 5.33 4.02 29.72
CA TRP B 448 4.07 4.37 29.09
C TRP B 448 4.24 5.31 27.90
N TYR B 449 5.11 6.30 28.04
CA TYR B 449 5.28 7.35 27.04
C TYR B 449 6.44 7.07 26.11
N VAL B 450 7.61 6.77 26.67
CA VAL B 450 8.83 6.60 25.88
C VAL B 450 8.88 5.23 25.23
N ALA B 451 8.55 4.19 25.98
CA ALA B 451 8.61 2.82 25.48
C ALA B 451 7.44 2.54 24.56
N ARG B 452 7.56 1.45 23.81
CA ARG B 452 6.56 1.06 22.84
C ARG B 452 5.45 0.23 23.48
N ASN B 453 4.21 0.53 23.11
CA ASN B 453 3.04 -0.20 23.56
C ASN B 453 2.08 -0.27 22.40
N GLY B 454 1.14 -1.22 22.47
CA GLY B 454 -0.04 -1.11 21.64
C GLY B 454 -0.70 0.23 21.86
N ARG B 455 -1.37 0.75 20.83
CA ARG B 455 -2.01 2.06 20.96
C ARG B 455 -3.31 2.07 20.16
N THR B 456 -4.23 2.91 20.60
CA THR B 456 -5.38 3.28 19.78
C THR B 456 -5.45 4.80 19.76
N ALA B 457 -5.86 5.38 18.64
CA ALA B 457 -5.95 6.83 18.57
C ALA B 457 -7.05 7.22 17.61
N ALA B 458 -7.53 8.44 17.77
CA ALA B 458 -8.58 8.96 16.91
C ALA B 458 -8.15 10.31 16.38
N GLY B 459 -8.42 10.56 15.09
CA GLY B 459 -8.06 11.83 14.49
C GLY B 459 -9.12 12.25 13.50
N VAL B 460 -9.03 13.51 13.08
CA VAL B 460 -9.92 14.07 12.06
C VAL B 460 -9.08 14.74 11.00
N ALA B 461 -9.35 14.43 9.72
CA ALA B 461 -8.65 15.05 8.61
C ALA B 461 -9.24 16.43 8.31
N ALA B 462 -8.56 17.17 7.43
CA ALA B 462 -9.01 18.53 7.12
C ALA B 462 -10.43 18.54 6.54
N ASP B 463 -10.84 17.46 5.88
CA ASP B 463 -12.17 17.41 5.26
C ASP B 463 -13.22 16.80 6.17
N GLY B 464 -12.88 16.51 7.42
CA GLY B 464 -13.81 15.91 8.35
C GLY B 464 -13.77 14.40 8.41
N THR B 465 -12.96 13.74 7.59
CA THR B 465 -12.85 12.29 7.64
C THR B 465 -12.34 11.86 9.00
N ILE B 466 -13.01 10.88 9.60
CA ILE B 466 -12.66 10.39 10.93
C ILE B 466 -11.69 9.23 10.76
N LEU B 467 -10.57 9.28 11.47
CA LEU B 467 -9.54 8.25 11.36
C LEU B 467 -9.40 7.57 12.72
N LEU B 468 -9.67 6.26 12.76
CA LEU B 468 -9.50 5.48 13.97
C LEU B 468 -8.34 4.51 13.71
N VAL B 469 -7.33 4.55 14.57
CA VAL B 469 -6.07 3.87 14.29
C VAL B 469 -5.74 2.97 15.47
N GLU B 470 -5.36 1.73 15.19
CA GLU B 470 -4.92 0.83 16.24
C GLU B 470 -3.57 0.27 15.81
N ILE B 471 -2.65 0.18 16.75
CA ILE B 471 -1.29 -0.26 16.49
C ILE B 471 -0.99 -1.40 17.44
N ASP B 472 -0.68 -2.58 16.91
CA ASP B 472 -0.42 -3.71 17.81
C ASP B 472 0.94 -3.55 18.49
N GLY B 473 1.05 -4.07 19.71
CA GLY B 473 2.29 -3.93 20.45
C GLY B 473 2.70 -5.14 21.27
N ARG B 474 3.87 -4.99 21.90
CA ARG B 474 4.46 -5.94 22.86
C ARG B 474 4.79 -7.27 22.23
N GLN B 475 4.95 -7.35 20.92
CA GLN B 475 5.08 -8.64 20.24
C GLN B 475 6.23 -8.60 19.26
N PRO B 476 7.45 -8.93 19.72
CA PRO B 476 8.65 -8.67 18.90
C PRO B 476 8.66 -9.34 17.54
N THR B 477 7.92 -10.42 17.34
CA THR B 477 7.92 -11.05 16.01
C THR B 477 6.74 -10.59 15.15
N LEU B 478 5.88 -9.72 15.66
CA LEU B 478 4.63 -9.39 14.99
CA LEU B 478 4.62 -9.39 15.00
C LEU B 478 4.40 -7.88 14.92
N SER B 479 4.45 -7.20 16.07
CA SER B 479 4.36 -5.75 16.07
C SER B 479 4.90 -5.21 17.38
N VAL B 480 5.90 -4.31 17.27
CA VAL B 480 6.57 -3.82 18.48
C VAL B 480 5.83 -2.64 19.12
N GLY B 481 4.78 -2.12 18.50
CA GLY B 481 4.08 -1.00 19.10
C GLY B 481 4.77 0.32 18.82
N THR B 482 4.27 1.39 19.44
CA THR B 482 4.84 2.71 19.24
C THR B 482 4.95 3.46 20.56
N SER B 483 5.95 4.33 20.63
CA SER B 483 6.03 5.33 21.69
C SER B 483 4.92 6.35 21.47
N ILE B 484 4.68 7.22 22.45
CA ILE B 484 3.72 8.31 22.23
C ILE B 484 4.19 9.22 21.10
N PRO B 485 5.47 9.62 21.00
CA PRO B 485 5.89 10.43 19.85
C PRO B 485 5.72 9.73 18.53
N GLU B 486 6.01 8.42 18.47
CA GLU B 486 5.78 7.67 17.23
C GLU B 486 4.30 7.63 16.87
N THR B 487 3.43 7.49 17.88
CA THR B 487 2.00 7.49 17.63
C THR B 487 1.54 8.80 17.02
N ALA B 488 2.01 9.92 17.60
CA ALA B 488 1.71 11.23 17.05
C ALA B 488 2.17 11.34 15.60
N ALA B 489 3.37 10.84 15.30
CA ALA B 489 3.90 10.91 13.94
C ALA B 489 3.06 10.11 12.97
N VAL B 490 2.58 8.92 13.38
CA VAL B 490 1.71 8.13 12.51
C VAL B 490 0.44 8.91 12.21
N MET B 491 -0.16 9.51 13.24
CA MET B 491 -1.42 10.23 13.02
C MET B 491 -1.23 11.42 12.09
N ALA B 492 -0.15 12.18 12.27
CA ALA B 492 0.11 13.30 11.39
C ALA B 492 0.35 12.84 9.96
N TRP B 493 1.11 11.75 9.80
CA TRP B 493 1.40 11.23 8.46
C TRP B 493 0.13 10.77 7.77
N LEU B 494 -0.79 10.16 8.53
CA LEU B 494 -2.04 9.70 7.96
CA LEU B 494 -2.05 9.70 7.97
C LEU B 494 -2.92 10.85 7.47
N GLY B 495 -2.67 12.07 7.93
CA GLY B 495 -3.46 13.21 7.54
C GLY B 495 -4.43 13.70 8.59
N ALA B 496 -4.35 13.18 9.81
CA ALA B 496 -5.13 13.74 10.89
C ALA B 496 -4.52 15.08 11.29
N THR B 497 -5.27 16.16 11.10
CA THR B 497 -4.78 17.45 11.53
C THR B 497 -5.15 17.75 12.98
N SER B 498 -6.07 16.98 13.55
CA SER B 498 -6.27 16.92 14.99
C SER B 498 -6.27 15.46 15.38
N ALA B 499 -5.71 15.13 16.56
CA ALA B 499 -5.59 13.73 16.91
C ALA B 499 -5.43 13.60 18.41
N VAL B 500 -6.02 12.54 18.98
CA VAL B 500 -5.93 12.30 20.42
C VAL B 500 -5.65 10.81 20.64
N ASN B 501 -4.72 10.54 21.56
CA ASN B 501 -4.45 9.17 21.96
C ASN B 501 -5.62 8.62 22.76
N LEU B 502 -6.04 7.41 22.46
CA LEU B 502 -7.07 6.71 23.22
C LEU B 502 -6.37 5.69 24.10
N ASP B 503 -7.13 4.80 24.73
CA ASP B 503 -6.46 3.84 25.62
C ASP B 503 -5.62 2.84 24.81
N GLY B 504 -4.48 2.44 25.36
CA GLY B 504 -3.53 1.61 24.66
C GLY B 504 -3.08 0.40 25.48
N GLY B 505 -1.87 -0.05 25.18
CA GLY B 505 -1.37 -1.28 25.78
C GLY B 505 -2.28 -2.45 25.44
N GLY B 506 -2.54 -3.29 26.43
CA GLY B 506 -3.39 -4.45 26.19
C GLY B 506 -4.83 -4.11 25.86
N SER B 507 -5.26 -2.87 26.08
CA SER B 507 -6.62 -2.50 25.76
C SER B 507 -6.85 -2.43 24.26
N SER B 508 -5.79 -2.16 23.49
CA SER B 508 -5.96 -1.84 22.07
C SER B 508 -6.36 -3.05 21.24
N ASN B 509 -7.38 -2.86 20.39
CA ASN B 509 -7.76 -3.87 19.43
C ASN B 509 -8.66 -3.23 18.39
N MET B 510 -8.74 -3.88 17.23
CA MET B 510 -9.68 -3.47 16.19
C MET B 510 -10.31 -4.72 15.59
N VAL B 511 -11.61 -4.65 15.29
CA VAL B 511 -12.29 -5.75 14.59
C VAL B 511 -12.99 -5.17 13.37
N VAL B 512 -12.99 -5.94 12.28
CA VAL B 512 -13.68 -5.57 11.05
C VAL B 512 -14.63 -6.72 10.75
N GLY B 513 -15.93 -6.46 10.88
CA GLY B 513 -16.87 -7.57 10.81
C GLY B 513 -16.50 -8.67 11.77
N GLY B 514 -16.55 -9.91 11.30
CA GLY B 514 -16.19 -11.02 12.14
C GLY B 514 -14.70 -11.26 12.31
N LYS B 515 -13.85 -10.40 11.73
CA LYS B 515 -12.42 -10.63 11.70
C LYS B 515 -11.72 -9.73 12.71
N MET B 516 -10.92 -10.34 13.58
CA MET B 516 -10.07 -9.56 14.48
C MET B 516 -8.81 -9.18 13.71
N VAL B 517 -8.67 -7.89 13.41
CA VAL B 517 -7.51 -7.45 12.63
C VAL B 517 -6.41 -6.91 13.54
N GLY B 518 -6.72 -6.53 14.78
CA GLY B 518 -5.70 -6.31 15.76
C GLY B 518 -5.21 -7.61 16.36
N HIS B 519 -4.17 -7.49 17.18
CA HIS B 519 -3.53 -8.62 17.84
C HIS B 519 -3.30 -8.21 19.28
N PRO B 520 -4.29 -8.42 20.14
CA PRO B 520 -4.19 -7.97 21.53
C PRO B 520 -2.93 -8.46 22.22
N SER B 521 -2.33 -7.60 23.04
CA SER B 521 -0.99 -7.87 23.55
C SER B 521 -0.95 -8.58 24.89
N ASP B 522 -2.04 -8.63 25.66
CA ASP B 522 -1.97 -9.27 26.97
C ASP B 522 -1.80 -10.77 26.82
N ALA B 523 -0.99 -11.38 27.71
CA ALA B 523 -0.84 -12.83 27.68
C ALA B 523 -2.16 -13.56 27.87
N VAL B 524 -3.09 -12.99 28.66
CA VAL B 524 -4.38 -13.62 28.90
C VAL B 524 -5.40 -13.34 27.82
N GLY B 525 -5.03 -12.62 26.77
CA GLY B 525 -5.91 -12.47 25.63
C GLY B 525 -6.45 -11.06 25.46
N GLU B 526 -7.54 -10.96 24.71
CA GLU B 526 -8.20 -9.67 24.47
C GLU B 526 -8.71 -9.11 25.79
N ARG B 527 -8.50 -7.81 26.01
CA ARG B 527 -8.85 -7.22 27.31
C ARG B 527 -10.29 -6.70 27.31
N GLY B 528 -11.03 -6.99 28.38
CA GLY B 528 -12.33 -6.36 28.56
C GLY B 528 -12.13 -4.91 28.99
N VAL B 529 -12.75 -3.99 28.25
CA VAL B 529 -12.48 -2.57 28.48
C VAL B 529 -13.76 -1.87 28.92
N GLY B 530 -13.66 -0.57 29.19
CA GLY B 530 -14.78 0.13 29.83
C GLY B 530 -15.71 0.85 28.89
N ASP B 531 -15.34 0.95 27.61
CA ASP B 531 -16.19 1.43 26.54
C ASP B 531 -15.45 1.17 25.24
N THR B 532 -16.24 1.04 24.16
CA THR B 532 -15.70 0.82 22.84
C THR B 532 -16.32 1.81 21.86
N LEU B 533 -15.63 2.02 20.74
CA LEU B 533 -16.15 2.80 19.63
C LEU B 533 -16.61 1.83 18.55
N MET B 534 -17.92 1.83 18.28
CA MET B 534 -18.53 0.87 17.38
C MET B 534 -19.14 1.58 16.19
N LEU B 535 -18.76 1.15 15.00
CA LEU B 535 -19.31 1.72 13.77
C LEU B 535 -20.58 0.96 13.39
N LEU B 536 -21.72 1.60 13.59
CA LEU B 536 -22.99 0.89 13.37
C LEU B 536 -23.43 1.06 11.93
N PRO B 537 -23.94 0.01 11.29
CA PRO B 537 -24.31 0.10 9.87
C PRO B 537 -25.47 1.08 9.63
#